data_8I4A
#
_entry.id   8I4A
#
_cell.length_a   1.00
_cell.length_b   1.00
_cell.length_c   1.00
_cell.angle_alpha   90.00
_cell.angle_beta   90.00
_cell.angle_gamma   90.00
#
_symmetry.space_group_name_H-M   'P 1'
#
loop_
_entity.id
_entity.type
_entity.pdbx_description
1 polymer 'ATP-binding cassette sub-family C member 4'
2 non-polymer 2-[[2-[bis(2-hydroxyethyl)amino]-4,8-di(piperidin-1-yl)pyrimido[5,4-d]pyrimidin-6-yl]-(2-hydroxyethyl)amino]ethanol
#
_entity_poly.entity_id   1
_entity_poly.type   'polypeptide(L)'
_entity_poly.pdbx_seq_one_letter_code
;MLPVYQEVKPNPLQDANLCSRVFFWWLNPLFKIGHKRRLEEDDMYSVLPEDRSQHLGEELQGFWDKEVLRAENDAQKPSL
TRAIIKCYWKSYLVLGIFTLIEESAKVIQPIFLGKIINYFENYDPMDSVALNTAYAYATVLTFCTLILAILHHLYFYHVQ
CAGMRLRVAMCHMIYRKALRLSNMAMGKTTTGQIVNLLSNDVNKFDQVTVFLHFLWAGPLQAIAVTALLWMEIGISCLAG
MAVLIILLPLQSCFGKLFSSLRSKTATFTDARIRTMNEVITGIRIIKMYAWEKSFSNLITNLRKKEISKILRSSCLRGMN
LASFFSASKIIVFVTFTTYVLLGSVITASRVFVAVTLYGAVRLTVTLFFPSAIERVSEAIVSIRRIQTFLLLDEISQRNR
QLPSDGKKMVHVQDFTAFWDKASETPTLQGLSFTVRPGELLAVVGPVGAGKSSLLSAVLGELAPSHGLVSVHGRIAYVSQ
QPWVFSGTLRSNILFGKKYEKERYEKVIKACALKKDLQLLEDGDLTVIGDRGTTLSGGQKARVNLARAVYQDADIYLLDD
PLSAVDAEVSRHLFELCICQILHEKITILVTHQLQYLKAASQILILKDGKMVQKGTYTEFLKSGIDFGSLLKKDNEESEQ
PPVPGTPTLRNRTFSESSVWSQQSSRPSLKDGALESQDTENVPVTLSEENRSEGKVGFQAYKNYFRAGAHWIVFIFLILL
NTAAQVAYVLQDWWLSYWANKQSMLNVTVNGGGNVTEKLDLNWYLGIYSGLTVATVLFGIARSLLVFYVLVNSSQTLHNK
MFESILKAPVLFFDRNPIGRILNRFSKDIGHLDDLLPLTFLDFIQTLLQVVGVVSVAVAVIPWIAIPLVPLGIIFIFLRR
YFLETSRDVKRLESTTRSPVFSHLSSSLQGLWTIRAYKAEERCQELFDAHQDLHSEAWFLFLTTSRWFAVRLDAICAMFV
IIVAFGSLILAKTLDAGQVGLALSYALTLMGMFQWCVRQSAEVENMMISVERVIEYTDLEKEAPWEYQKRPPPAWPHEGV
IIFDNVNFMYSPGGPLVLKHLTALIKSQEKVGIVGRTGAGKSSLISALFRLSEPEGKIWIDKILTTEIGLHDLRKKMSII
PQEPVLFTGTMRKNLDPFNEHTDEELWNALQEVQLKETIEDLPGKMDTELAESGSNFSVGQRQLVCLARAILRKNQILII
DEATANVDPRTDELIQKKIREKFAHCTVLTIAHRLNTIIDSDKIMVLDSGRLKEYDEPYVLLQNKESLFYKMVQQLGKAE
AAALTETAKQVYFKRNYPHIGHTDHMVTNTSNGQPSTLTIFETAL
;
_entity_poly.pdbx_strand_id   A
#
loop_
_chem_comp.id
_chem_comp.type
_chem_comp.name
_chem_comp.formula
H9F non-polymer 2-[[2-[bis(2-hydroxyethyl)amino]-4,8-di(piperidin-1-yl)pyrimido[5,4-d]pyrimidin-6-yl]-(2-hydroxyethyl)amino]ethanol 'C24 H40 N8 O4'
#
# COMPACT_ATOMS: atom_id res chain seq x y z
N LYS A 9 25.84 -12.45 15.73
CA LYS A 9 25.05 -13.43 14.99
C LYS A 9 25.82 -13.91 13.77
N PRO A 10 26.81 -14.77 13.99
CA PRO A 10 27.78 -15.08 12.93
C PRO A 10 27.10 -15.69 11.72
N ASN A 11 27.69 -15.47 10.56
CA ASN A 11 27.12 -15.90 9.29
C ASN A 11 27.87 -17.10 8.75
N PRO A 12 27.27 -18.29 8.71
CA PRO A 12 27.98 -19.45 8.16
C PRO A 12 28.41 -19.30 6.72
N LEU A 13 27.92 -18.31 5.99
CA LEU A 13 28.46 -18.07 4.65
C LEU A 13 29.92 -17.69 4.72
N GLN A 14 30.41 -17.31 5.89
CA GLN A 14 31.78 -16.84 6.06
C GLN A 14 32.75 -17.97 6.31
N ASP A 15 32.31 -19.05 6.96
CA ASP A 15 33.20 -20.14 7.34
C ASP A 15 33.00 -21.38 6.50
N ALA A 16 32.43 -21.25 5.31
CA ALA A 16 32.05 -22.41 4.51
C ALA A 16 33.02 -22.64 3.36
N ASN A 17 33.01 -23.89 2.87
CA ASN A 17 33.88 -24.37 1.83
C ASN A 17 33.40 -23.88 0.48
N LEU A 18 33.86 -24.52 -0.59
CA LEU A 18 33.17 -24.37 -1.86
C LEU A 18 32.16 -25.49 -2.07
N CYS A 19 32.54 -26.72 -1.69
CA CYS A 19 31.63 -27.84 -1.76
C CYS A 19 30.42 -27.65 -0.85
N SER A 20 30.50 -26.71 0.08
CA SER A 20 29.37 -26.36 0.94
C SER A 20 28.62 -25.14 0.45
N ARG A 21 29.29 -24.24 -0.26
CA ARG A 21 28.61 -23.07 -0.75
C ARG A 21 27.99 -23.28 -2.12
N VAL A 22 28.20 -24.42 -2.76
CA VAL A 22 27.48 -24.64 -4.01
C VAL A 22 26.10 -25.22 -3.75
N PHE A 23 26.01 -26.17 -2.82
CA PHE A 23 24.74 -26.73 -2.41
C PHE A 23 24.13 -25.97 -1.24
N PHE A 24 24.63 -24.78 -0.96
CA PHE A 24 24.10 -23.94 0.11
C PHE A 24 23.94 -24.73 1.39
N TRP A 25 24.90 -25.61 1.64
CA TRP A 25 24.86 -26.49 2.81
C TRP A 25 25.02 -25.73 4.11
N TRP A 26 25.45 -24.49 4.08
CA TRP A 26 25.58 -23.74 5.32
C TRP A 26 24.24 -23.36 5.90
N LEU A 27 23.17 -23.52 5.14
CA LEU A 27 21.88 -22.97 5.48
C LEU A 27 20.94 -24.01 6.05
N ASN A 28 21.37 -25.26 6.15
CA ASN A 28 20.49 -26.29 6.69
C ASN A 28 20.06 -26.01 8.12
N PRO A 29 20.95 -25.64 9.05
CA PRO A 29 20.48 -25.38 10.42
C PRO A 29 19.27 -24.46 10.50
N LEU A 30 19.32 -23.27 9.91
CA LEU A 30 18.19 -22.36 9.95
C LEU A 30 16.90 -23.07 9.54
N PHE A 31 16.96 -23.76 8.40
CA PHE A 31 15.78 -24.48 7.92
C PHE A 31 15.23 -25.39 8.99
N LYS A 32 16.10 -26.14 9.66
CA LYS A 32 15.66 -27.02 10.74
C LYS A 32 14.91 -26.23 11.81
N ILE A 33 15.49 -25.12 12.29
CA ILE A 33 14.74 -24.28 13.21
C ILE A 33 13.44 -23.80 12.60
N GLY A 34 13.47 -23.41 11.33
CA GLY A 34 12.25 -22.98 10.68
C GLY A 34 11.17 -24.04 10.68
N HIS A 35 11.56 -25.31 10.77
CA HIS A 35 10.58 -26.38 10.77
C HIS A 35 9.89 -26.53 12.11
N LYS A 36 10.50 -26.06 13.19
CA LYS A 36 9.93 -26.25 14.52
C LYS A 36 9.09 -25.05 14.95
N ARG A 37 9.69 -23.88 15.03
CA ARG A 37 9.00 -22.69 15.50
C ARG A 37 8.99 -21.64 14.39
N ARG A 38 8.40 -20.51 14.72
CA ARG A 38 8.40 -19.36 13.83
C ARG A 38 9.75 -18.66 13.92
N LEU A 39 10.06 -17.85 12.91
CA LEU A 39 11.33 -17.14 12.85
C LEU A 39 11.15 -15.69 13.31
N GLU A 40 12.12 -15.21 14.07
CA GLU A 40 12.13 -13.85 14.57
C GLU A 40 13.37 -13.13 14.02
N GLU A 41 13.65 -11.96 14.56
CA GLU A 41 14.80 -11.19 14.14
C GLU A 41 16.09 -11.64 14.82
N ASP A 42 16.01 -12.62 15.72
CA ASP A 42 17.20 -13.24 16.29
C ASP A 42 17.65 -14.44 15.48
N ASP A 43 16.71 -15.27 15.04
CA ASP A 43 17.02 -16.44 14.24
C ASP A 43 17.77 -16.08 12.97
N MET A 44 17.59 -14.88 12.46
CA MET A 44 18.25 -14.36 11.28
C MET A 44 19.78 -14.45 11.43
N TYR A 45 20.47 -14.26 10.32
CA TYR A 45 21.92 -14.30 10.29
C TYR A 45 22.45 -12.93 9.92
N SER A 46 23.43 -12.44 10.66
CA SER A 46 23.99 -11.13 10.37
C SER A 46 24.66 -11.14 9.00
N VAL A 47 25.15 -9.99 8.58
CA VAL A 47 25.64 -9.81 7.24
C VAL A 47 27.16 -9.90 7.20
N LEU A 48 27.69 -10.14 6.01
CA LEU A 48 29.13 -10.16 5.83
C LEU A 48 29.71 -8.78 6.08
N PRO A 49 30.99 -8.68 6.44
CA PRO A 49 31.59 -7.35 6.58
C PRO A 49 31.63 -6.59 5.27
N GLU A 50 31.53 -7.29 4.15
CA GLU A 50 31.57 -6.67 2.83
C GLU A 50 30.22 -6.21 2.36
N ASP A 51 29.21 -6.22 3.24
CA ASP A 51 27.86 -5.84 2.89
C ASP A 51 27.22 -4.86 3.85
N ARG A 52 27.89 -4.50 4.94
CA ARG A 52 27.31 -3.52 5.85
C ARG A 52 27.08 -2.23 5.10
N SER A 53 25.92 -1.61 5.32
CA SER A 53 25.52 -0.45 4.52
C SER A 53 26.58 0.65 4.52
N GLN A 54 27.22 0.87 5.67
CA GLN A 54 28.19 1.96 5.76
C GLN A 54 29.35 1.77 4.78
N HIS A 55 29.85 0.56 4.67
CA HIS A 55 31.01 0.33 3.81
C HIS A 55 30.67 0.60 2.35
N LEU A 56 29.56 0.04 1.86
CA LEU A 56 29.19 0.26 0.48
C LEU A 56 28.91 1.73 0.22
N GLY A 57 28.23 2.37 1.15
CA GLY A 57 27.93 3.78 0.98
C GLY A 57 29.18 4.62 0.88
N GLU A 58 30.14 4.37 1.76
CA GLU A 58 31.37 5.13 1.71
C GLU A 58 32.10 4.91 0.39
N GLU A 59 32.18 3.67 -0.08
CA GLU A 59 32.89 3.40 -1.33
C GLU A 59 32.22 4.11 -2.50
N LEU A 60 30.91 3.91 -2.66
CA LEU A 60 30.27 4.52 -3.82
C LEU A 60 30.28 6.03 -3.71
N GLN A 61 30.20 6.58 -2.49
CA GLN A 61 30.31 8.02 -2.36
C GLN A 61 31.68 8.50 -2.76
N GLY A 62 32.72 7.73 -2.43
CA GLY A 62 34.05 8.10 -2.89
C GLY A 62 34.09 8.21 -4.40
N PHE A 63 33.55 7.22 -5.09
CA PHE A 63 33.62 7.26 -6.54
C PHE A 63 32.72 8.35 -7.11
N TRP A 64 31.58 8.61 -6.47
CA TRP A 64 30.67 9.64 -6.96
C TRP A 64 31.27 11.02 -6.78
N ASP A 65 31.93 11.26 -5.65
CA ASP A 65 32.60 12.53 -5.43
C ASP A 65 33.74 12.71 -6.42
N LYS A 66 34.50 11.66 -6.69
CA LYS A 66 35.55 11.78 -7.69
C LYS A 66 34.97 12.13 -9.05
N GLU A 67 33.84 11.52 -9.40
CA GLU A 67 33.29 11.74 -10.72
C GLU A 67 32.73 13.15 -10.85
N VAL A 68 32.06 13.65 -9.82
CA VAL A 68 31.55 15.02 -9.91
C VAL A 68 32.70 16.03 -9.86
N LEU A 69 33.76 15.72 -9.11
CA LEU A 69 34.95 16.57 -9.11
C LEU A 69 35.53 16.68 -10.50
N ARG A 70 35.71 15.55 -11.18
CA ARG A 70 36.24 15.61 -12.53
C ARG A 70 35.26 16.32 -13.47
N ALA A 71 33.96 16.19 -13.20
CA ALA A 71 33.00 16.94 -13.99
C ALA A 71 33.23 18.44 -13.86
N GLU A 72 33.41 18.91 -12.63
CA GLU A 72 33.74 20.33 -12.43
C GLU A 72 35.03 20.69 -13.16
N ASN A 73 36.03 19.81 -13.08
CA ASN A 73 37.29 20.06 -13.76
C ASN A 73 37.11 20.12 -15.27
N ASP A 74 36.07 19.49 -15.79
CA ASP A 74 35.89 19.39 -17.24
C ASP A 74 34.68 20.16 -17.75
N ALA A 75 33.86 20.74 -16.86
CA ALA A 75 32.73 21.59 -17.23
C ALA A 75 31.71 20.82 -18.08
N GLN A 76 31.38 19.62 -17.65
CA GLN A 76 30.32 18.84 -18.27
C GLN A 76 29.55 18.10 -17.19
N LYS A 77 28.29 17.80 -17.50
CA LYS A 77 27.37 17.31 -16.48
C LYS A 77 27.89 16.02 -15.86
N PRO A 78 27.84 15.89 -14.54
CA PRO A 78 28.27 14.64 -13.92
C PRO A 78 27.20 13.58 -14.07
N SER A 79 27.64 12.35 -14.26
CA SER A 79 26.76 11.22 -14.45
C SER A 79 26.98 10.22 -13.33
N LEU A 80 25.91 9.86 -12.63
CA LEU A 80 26.01 8.83 -11.62
C LEU A 80 26.29 7.47 -12.23
N THR A 81 25.70 7.18 -13.39
CA THR A 81 25.89 5.88 -14.01
C THR A 81 27.36 5.56 -14.18
N ARG A 82 28.18 6.56 -14.50
CA ARG A 82 29.61 6.32 -14.60
C ARG A 82 30.21 5.95 -13.26
N ALA A 83 29.72 6.57 -12.18
CA ALA A 83 30.21 6.21 -10.87
C ALA A 83 29.86 4.78 -10.51
N ILE A 84 28.62 4.37 -10.81
CA ILE A 84 28.20 3.01 -10.51
C ILE A 84 29.02 2.01 -11.31
N ILE A 85 29.18 2.27 -12.62
CA ILE A 85 29.96 1.36 -13.45
C ILE A 85 31.40 1.29 -12.98
N LYS A 86 32.01 2.43 -12.65
CA LYS A 86 33.38 2.43 -12.22
C LYS A 86 33.56 1.66 -10.91
N CYS A 87 32.60 1.78 -9.98
CA CYS A 87 32.78 1.03 -8.75
C CYS A 87 32.43 -0.43 -8.89
N TYR A 88 31.66 -0.83 -9.90
CA TYR A 88 31.20 -2.21 -9.91
C TYR A 88 31.67 -3.07 -11.07
N TRP A 89 32.39 -2.54 -12.05
CA TRP A 89 32.78 -3.39 -13.17
C TRP A 89 33.75 -4.48 -12.75
N LYS A 90 34.69 -4.16 -11.86
CA LYS A 90 35.66 -5.17 -11.46
C LYS A 90 35.02 -6.37 -10.81
N SER A 91 33.82 -6.22 -10.27
CA SER A 91 33.12 -7.31 -9.61
C SER A 91 31.92 -7.79 -10.39
N TYR A 92 31.59 -7.14 -11.50
CA TYR A 92 30.56 -7.64 -12.37
C TYR A 92 31.13 -8.12 -13.69
N LEU A 93 32.45 -8.22 -13.78
CA LEU A 93 33.07 -8.94 -14.88
C LEU A 93 33.17 -10.43 -14.58
N VAL A 94 33.36 -10.78 -13.32
CA VAL A 94 33.40 -12.19 -12.93
C VAL A 94 32.09 -12.88 -13.27
N LEU A 95 30.97 -12.27 -12.87
CA LEU A 95 29.68 -12.89 -13.13
C LEU A 95 29.41 -12.97 -14.63
N GLY A 96 29.97 -12.04 -15.39
CA GLY A 96 29.87 -12.13 -16.83
C GLY A 96 30.64 -13.31 -17.39
N ILE A 97 31.82 -13.57 -16.84
CA ILE A 97 32.55 -14.76 -17.22
C ILE A 97 31.68 -15.99 -17.02
N PHE A 98 31.02 -16.06 -15.87
CA PHE A 98 30.31 -17.30 -15.61
C PHE A 98 29.07 -17.43 -16.48
N THR A 99 28.35 -16.34 -16.74
CA THR A 99 27.20 -16.48 -17.62
C THR A 99 27.64 -16.80 -19.03
N LEU A 100 28.85 -16.43 -19.42
CA LEU A 100 29.37 -16.92 -20.69
C LEU A 100 29.50 -18.44 -20.65
N ILE A 101 30.04 -18.97 -19.55
CA ILE A 101 30.14 -20.43 -19.43
C ILE A 101 28.76 -21.08 -19.50
N GLU A 102 27.79 -20.51 -18.81
CA GLU A 102 26.45 -21.09 -18.74
C GLU A 102 25.78 -21.10 -20.10
N GLU A 103 25.89 -19.99 -20.84
CA GLU A 103 25.31 -19.99 -22.17
C GLU A 103 26.02 -20.96 -23.09
N SER A 104 27.34 -21.08 -22.96
CA SER A 104 28.01 -22.06 -23.79
C SER A 104 27.51 -23.46 -23.49
N ALA A 105 27.21 -23.76 -22.24
CA ALA A 105 26.68 -25.09 -21.93
C ALA A 105 25.30 -25.30 -22.54
N LYS A 106 24.41 -24.31 -22.38
CA LYS A 106 23.07 -24.44 -22.96
C LYS A 106 23.12 -24.57 -24.47
N VAL A 107 24.21 -24.14 -25.11
CA VAL A 107 24.33 -24.35 -26.54
C VAL A 107 25.04 -25.67 -26.88
N ILE A 108 25.94 -26.14 -26.02
CA ILE A 108 26.68 -27.36 -26.31
C ILE A 108 25.79 -28.59 -26.19
N GLN A 109 25.01 -28.70 -25.11
CA GLN A 109 24.41 -30.00 -24.82
C GLN A 109 23.48 -30.54 -25.90
N PRO A 110 22.81 -29.75 -26.73
CA PRO A 110 22.10 -30.33 -27.87
C PRO A 110 22.99 -31.13 -28.80
N ILE A 111 24.25 -30.74 -28.98
CA ILE A 111 25.10 -31.48 -29.92
C ILE A 111 25.40 -32.88 -29.39
N PHE A 112 25.57 -33.02 -28.08
CA PHE A 112 25.77 -34.36 -27.57
C PHE A 112 24.47 -35.15 -27.54
N LEU A 113 23.33 -34.48 -27.40
CA LEU A 113 22.06 -35.17 -27.66
C LEU A 113 22.08 -35.74 -29.07
N GLY A 114 22.59 -34.95 -30.01
CA GLY A 114 22.72 -35.44 -31.36
C GLY A 114 23.58 -36.67 -31.46
N LYS A 115 24.70 -36.68 -30.74
CA LYS A 115 25.60 -37.82 -30.87
C LYS A 115 24.99 -39.09 -30.26
N ILE A 116 24.28 -38.96 -29.14
CA ILE A 116 23.62 -40.15 -28.58
C ILE A 116 22.60 -40.69 -29.56
N ILE A 117 21.72 -39.83 -30.05
CA ILE A 117 20.70 -40.28 -30.99
C ILE A 117 21.35 -40.88 -32.22
N ASN A 118 22.50 -40.34 -32.62
CA ASN A 118 23.21 -40.84 -33.78
C ASN A 118 23.76 -42.23 -33.52
N TYR A 119 24.17 -42.52 -32.30
CA TYR A 119 24.51 -43.90 -31.97
C TYR A 119 23.31 -44.80 -32.13
N PHE A 120 22.14 -44.34 -31.68
CA PHE A 120 20.94 -45.16 -31.82
C PHE A 120 20.53 -45.36 -33.28
N GLU A 121 20.90 -44.42 -34.15
CA GLU A 121 20.43 -44.46 -35.52
C GLU A 121 21.11 -45.57 -36.32
N ASN A 122 22.32 -45.95 -35.91
CA ASN A 122 23.07 -47.01 -36.58
C ASN A 122 23.33 -48.13 -35.60
N TYR A 123 22.31 -48.56 -34.87
CA TYR A 123 22.52 -49.54 -33.81
C TYR A 123 23.11 -50.82 -34.37
N ASP A 124 24.16 -51.29 -33.73
CA ASP A 124 24.72 -52.62 -33.94
C ASP A 124 25.08 -53.17 -32.58
N PRO A 125 24.38 -54.20 -32.10
CA PRO A 125 24.56 -54.62 -30.70
C PRO A 125 25.96 -55.10 -30.38
N MET A 126 26.77 -55.43 -31.37
CA MET A 126 28.08 -55.99 -31.12
C MET A 126 29.19 -54.96 -31.06
N ASP A 127 29.02 -53.81 -31.70
CA ASP A 127 30.07 -52.79 -31.75
C ASP A 127 30.13 -52.12 -30.39
N SER A 128 30.74 -52.82 -29.43
CA SER A 128 30.82 -52.27 -28.08
C SER A 128 31.68 -51.01 -28.03
N VAL A 129 32.54 -50.78 -29.02
CA VAL A 129 33.26 -49.52 -29.09
C VAL A 129 32.29 -48.36 -29.20
N ALA A 130 31.28 -48.50 -30.06
CA ALA A 130 30.27 -47.46 -30.19
C ALA A 130 29.48 -47.30 -28.90
N LEU A 131 29.20 -48.40 -28.19
CA LEU A 131 28.52 -48.28 -26.91
C LEU A 131 29.34 -47.48 -25.92
N ASN A 132 30.65 -47.72 -25.89
CA ASN A 132 31.48 -46.97 -24.94
C ASN A 132 31.55 -45.51 -25.32
N THR A 133 31.65 -45.20 -26.61
CA THR A 133 31.64 -43.79 -27.01
C THR A 133 30.31 -43.13 -26.65
N ALA A 134 29.20 -43.82 -26.86
CA ALA A 134 27.91 -43.22 -26.54
C ALA A 134 27.75 -43.03 -25.05
N TYR A 135 28.26 -43.94 -24.23
CA TYR A 135 28.28 -43.72 -22.80
C TYR A 135 29.10 -42.48 -22.45
N ALA A 136 30.22 -42.27 -23.16
CA ALA A 136 30.99 -41.06 -22.94
C ALA A 136 30.18 -39.82 -23.27
N TYR A 137 29.45 -39.86 -24.38
CA TYR A 137 28.65 -38.70 -24.77
C TYR A 137 27.56 -38.42 -23.74
N ALA A 138 26.92 -39.46 -23.21
CA ALA A 138 25.93 -39.25 -22.16
C ALA A 138 26.58 -38.66 -20.91
N THR A 139 27.81 -39.08 -20.61
CA THR A 139 28.50 -38.49 -19.46
C THR A 139 28.75 -37.01 -19.66
N VAL A 140 29.16 -36.62 -20.86
CA VAL A 140 29.34 -35.20 -21.12
C VAL A 140 28.02 -34.46 -21.04
N LEU A 141 26.93 -35.10 -21.47
CA LEU A 141 25.61 -34.49 -21.34
C LEU A 141 25.27 -34.24 -19.89
N THR A 142 25.57 -35.18 -19.00
CA THR A 142 25.24 -34.95 -17.59
C THR A 142 26.20 -33.95 -16.95
N PHE A 143 27.43 -33.83 -17.45
CA PHE A 143 28.27 -32.75 -16.95
C PHE A 143 27.73 -31.39 -17.35
N CYS A 144 27.27 -31.24 -18.59
CA CYS A 144 26.66 -29.97 -18.98
C CYS A 144 25.43 -29.67 -18.13
N THR A 145 24.55 -30.65 -17.93
CA THR A 145 23.37 -30.30 -17.13
C THR A 145 23.71 -30.12 -15.66
N LEU A 146 24.79 -30.71 -15.17
CA LEU A 146 25.15 -30.48 -13.78
C LEU A 146 25.97 -29.21 -13.58
N ILE A 147 26.44 -28.56 -14.64
CA ILE A 147 26.90 -27.19 -14.46
C ILE A 147 25.78 -26.21 -14.78
N LEU A 148 24.72 -26.65 -15.43
CA LEU A 148 23.56 -25.81 -15.65
C LEU A 148 22.54 -25.89 -14.53
N ALA A 149 22.68 -26.82 -13.62
CA ALA A 149 21.69 -27.00 -12.59
C ALA A 149 22.22 -26.83 -11.17
N ILE A 150 23.48 -27.17 -10.92
CA ILE A 150 24.04 -27.08 -9.60
C ILE A 150 24.96 -25.88 -9.42
N LEU A 151 25.68 -25.47 -10.46
CA LEU A 151 26.54 -24.31 -10.39
C LEU A 151 25.91 -23.06 -10.97
N HIS A 152 24.64 -23.10 -11.31
CA HIS A 152 23.95 -21.88 -11.71
C HIS A 152 23.29 -21.20 -10.52
N HIS A 153 23.42 -21.75 -9.33
CA HIS A 153 22.77 -21.13 -8.20
C HIS A 153 23.72 -20.41 -7.28
N LEU A 154 24.94 -20.91 -7.10
CA LEU A 154 25.97 -20.09 -6.48
C LEU A 154 26.36 -18.93 -7.37
N TYR A 155 25.95 -18.93 -8.62
CA TYR A 155 25.93 -17.79 -9.52
C TYR A 155 24.76 -16.86 -9.35
N PHE A 156 23.55 -17.38 -9.32
CA PHE A 156 22.41 -16.49 -9.23
C PHE A 156 22.39 -15.79 -7.90
N TYR A 157 22.92 -16.43 -6.85
CA TYR A 157 23.02 -15.70 -5.60
C TYR A 157 23.88 -14.46 -5.78
N HIS A 158 25.04 -14.59 -6.41
CA HIS A 158 25.91 -13.42 -6.51
C HIS A 158 25.37 -12.40 -7.49
N VAL A 159 24.66 -12.82 -8.51
CA VAL A 159 24.07 -11.84 -9.40
C VAL A 159 22.97 -11.07 -8.71
N GLN A 160 22.23 -11.70 -7.80
CA GLN A 160 21.30 -10.89 -7.01
C GLN A 160 22.01 -10.12 -5.93
N CYS A 161 23.20 -10.57 -5.50
CA CYS A 161 23.91 -9.87 -4.45
C CYS A 161 24.55 -8.59 -4.96
N ALA A 162 24.99 -8.55 -6.20
CA ALA A 162 25.49 -7.30 -6.75
C ALA A 162 24.38 -6.25 -6.80
N GLY A 163 23.17 -6.66 -7.15
CA GLY A 163 22.04 -5.75 -7.11
C GLY A 163 21.68 -5.32 -5.70
N MET A 164 21.71 -6.24 -4.74
CA MET A 164 21.51 -5.84 -3.35
C MET A 164 22.52 -4.80 -2.93
N ARG A 165 23.79 -5.03 -3.24
CA ARG A 165 24.84 -4.11 -2.82
C ARG A 165 24.67 -2.75 -3.44
N LEU A 166 24.39 -2.71 -4.74
CA LEU A 166 24.14 -1.44 -5.39
C LEU A 166 23.00 -0.70 -4.73
N ARG A 167 21.90 -1.39 -4.44
CA ARG A 167 20.76 -0.69 -3.88
C ARG A 167 21.06 -0.18 -2.48
N VAL A 168 21.75 -0.94 -1.67
CA VAL A 168 22.01 -0.46 -0.31
C VAL A 168 22.96 0.73 -0.32
N ALA A 169 23.98 0.70 -1.17
CA ALA A 169 24.84 1.88 -1.28
C ALA A 169 24.04 3.08 -1.75
N MET A 170 23.14 2.89 -2.72
CA MET A 170 22.34 4.02 -3.21
C MET A 170 21.47 4.59 -2.11
N CYS A 171 20.82 3.74 -1.33
CA CYS A 171 20.02 4.24 -0.22
C CYS A 171 20.87 5.02 0.75
N HIS A 172 22.09 4.56 0.99
CA HIS A 172 22.92 5.27 1.96
C HIS A 172 23.31 6.65 1.44
N MET A 173 23.69 6.76 0.16
CA MET A 173 24.01 8.11 -0.30
C MET A 173 22.76 8.99 -0.33
N ILE A 174 21.61 8.43 -0.69
CA ILE A 174 20.39 9.24 -0.70
C ILE A 174 20.10 9.80 0.66
N TYR A 175 20.19 8.99 1.70
CA TYR A 175 19.97 9.53 3.03
C TYR A 175 21.03 10.55 3.39
N ARG A 176 22.28 10.28 3.05
CA ARG A 176 23.34 11.23 3.40
C ARG A 176 23.08 12.59 2.78
N LYS A 177 22.71 12.62 1.51
CA LYS A 177 22.43 13.88 0.85
C LYS A 177 21.20 14.54 1.46
N ALA A 178 20.12 13.79 1.63
CA ALA A 178 18.90 14.38 2.16
C ALA A 178 19.05 14.84 3.60
N LEU A 179 20.13 14.46 4.26
CA LEU A 179 20.39 15.00 5.58
C LEU A 179 21.04 16.38 5.54
N ARG A 180 21.52 16.84 4.39
CA ARG A 180 22.20 18.12 4.30
C ARG A 180 21.69 18.92 3.13
N LEU A 181 20.38 19.00 2.99
CA LEU A 181 19.75 19.80 1.95
C LEU A 181 19.60 21.24 2.40
N SER A 182 19.95 22.16 1.51
CA SER A 182 19.70 23.57 1.76
C SER A 182 18.20 23.86 1.69
N ASN A 183 17.75 24.78 2.52
CA ASN A 183 16.32 25.03 2.62
C ASN A 183 15.73 25.53 1.30
N MET A 184 16.51 26.26 0.52
CA MET A 184 16.00 26.71 -0.78
C MET A 184 15.65 25.53 -1.66
N ALA A 185 16.53 24.53 -1.71
CA ALA A 185 16.21 23.30 -2.42
C ALA A 185 15.20 22.45 -1.66
N MET A 186 15.27 22.46 -0.33
CA MET A 186 14.40 21.61 0.46
C MET A 186 12.94 21.97 0.23
N GLY A 187 12.63 23.27 0.17
CA GLY A 187 11.26 23.69 -0.09
C GLY A 187 10.78 23.37 -1.48
N LYS A 188 11.65 23.47 -2.49
CA LYS A 188 11.23 23.20 -3.86
C LYS A 188 10.91 21.72 -4.07
N THR A 189 11.48 20.83 -3.27
CA THR A 189 11.13 19.43 -3.27
C THR A 189 10.10 19.16 -2.17
N THR A 190 9.81 17.90 -1.94
CA THR A 190 8.92 17.48 -0.87
C THR A 190 9.61 16.39 -0.05
N THR A 191 8.93 15.93 0.99
CA THR A 191 9.35 14.75 1.72
C THR A 191 8.64 13.50 1.27
N GLY A 192 7.71 13.60 0.33
CA GLY A 192 7.13 12.43 -0.27
C GLY A 192 7.94 12.05 -1.48
N GLN A 193 8.65 13.03 -2.03
CA GLN A 193 9.53 12.79 -3.16
C GLN A 193 10.90 12.27 -2.75
N ILE A 194 11.24 12.35 -1.47
CA ILE A 194 12.53 11.83 -1.00
C ILE A 194 12.35 10.48 -0.32
N VAL A 195 11.12 10.01 -0.15
CA VAL A 195 10.89 8.63 0.19
C VAL A 195 10.45 7.82 -1.03
N ASN A 196 9.97 8.48 -2.08
CA ASN A 196 9.60 7.79 -3.30
C ASN A 196 10.79 7.41 -4.15
N LEU A 197 11.98 7.93 -3.87
CA LEU A 197 13.17 7.41 -4.52
C LEU A 197 14.00 6.62 -3.52
N LEU A 198 13.37 6.11 -2.48
CA LEU A 198 13.99 5.17 -1.57
C LEU A 198 13.06 4.01 -1.28
N SER A 199 11.84 4.05 -1.78
CA SER A 199 10.91 2.94 -1.66
C SER A 199 10.50 2.34 -2.99
N ASN A 200 10.60 3.08 -4.09
CA ASN A 200 10.16 2.59 -5.38
C ASN A 200 11.13 2.84 -6.52
N ASP A 201 12.13 3.70 -6.34
CA ASP A 201 13.07 3.98 -7.42
C ASP A 201 14.47 3.50 -7.09
N VAL A 202 14.69 2.93 -5.91
CA VAL A 202 15.95 2.28 -5.60
C VAL A 202 15.77 0.79 -5.50
N ASN A 203 14.58 0.28 -5.77
CA ASN A 203 14.38 -1.15 -5.87
C ASN A 203 14.73 -1.69 -7.24
N LYS A 204 14.74 -0.84 -8.27
CA LYS A 204 15.08 -1.34 -9.59
C LYS A 204 16.46 -1.97 -9.61
N PHE A 205 17.37 -1.47 -8.78
CA PHE A 205 18.70 -2.04 -8.76
C PHE A 205 18.72 -3.47 -8.24
N ASP A 206 17.70 -3.88 -7.49
CA ASP A 206 17.65 -5.28 -7.06
C ASP A 206 17.34 -6.21 -8.21
N GLN A 207 16.97 -5.68 -9.36
CA GLN A 207 16.52 -6.52 -10.46
C GLN A 207 17.34 -6.36 -11.72
N VAL A 208 17.81 -5.14 -12.02
CA VAL A 208 18.51 -4.94 -13.28
C VAL A 208 19.68 -5.91 -13.41
N THR A 209 20.44 -6.12 -12.35
CA THR A 209 21.59 -7.02 -12.43
C THR A 209 21.17 -8.40 -12.89
N VAL A 210 20.08 -8.93 -12.33
CA VAL A 210 19.66 -10.29 -12.66
C VAL A 210 19.65 -10.48 -14.16
N PHE A 211 19.26 -9.45 -14.89
CA PHE A 211 19.13 -9.57 -16.34
C PHE A 211 20.14 -8.77 -17.13
N LEU A 212 21.01 -8.00 -16.47
CA LEU A 212 21.87 -7.12 -17.23
C LEU A 212 22.69 -7.90 -18.23
N HIS A 213 23.22 -9.05 -17.82
CA HIS A 213 24.13 -9.80 -18.67
C HIS A 213 23.48 -10.31 -19.92
N PHE A 214 22.16 -10.30 -20.00
CA PHE A 214 21.54 -10.78 -21.22
C PHE A 214 21.50 -9.74 -22.31
N LEU A 215 21.97 -8.53 -22.05
CA LEU A 215 22.12 -7.59 -23.15
C LEU A 215 23.29 -7.94 -24.06
N TRP A 216 24.15 -8.88 -23.65
CA TRP A 216 25.22 -9.37 -24.50
C TRP A 216 25.28 -10.88 -24.63
N ALA A 217 24.73 -11.63 -23.67
CA ALA A 217 24.53 -13.06 -23.82
C ALA A 217 23.19 -13.39 -24.44
N GLY A 218 22.37 -12.39 -24.68
CA GLY A 218 21.15 -12.57 -25.40
C GLY A 218 21.41 -12.69 -26.88
N PRO A 219 22.02 -11.67 -27.47
CA PRO A 219 22.33 -11.75 -28.89
C PRO A 219 23.42 -12.74 -29.24
N LEU A 220 24.51 -12.76 -28.48
CA LEU A 220 25.61 -13.66 -28.82
C LEU A 220 25.12 -15.08 -28.93
N GLN A 221 24.37 -15.55 -27.93
CA GLN A 221 23.79 -16.89 -28.00
C GLN A 221 22.90 -17.04 -29.21
N ALA A 222 22.06 -16.04 -29.49
CA ALA A 222 21.18 -16.14 -30.64
C ALA A 222 21.96 -16.20 -31.95
N ILE A 223 23.25 -15.84 -31.94
CA ILE A 223 24.08 -16.13 -33.09
C ILE A 223 24.67 -17.52 -33.00
N ALA A 224 25.23 -17.87 -31.85
CA ALA A 224 25.85 -19.19 -31.71
C ALA A 224 24.86 -20.28 -32.10
N VAL A 225 23.67 -20.26 -31.48
CA VAL A 225 22.64 -21.22 -31.83
C VAL A 225 22.39 -21.21 -33.32
N THR A 226 22.22 -20.03 -33.90
CA THR A 226 21.96 -19.99 -35.33
C THR A 226 23.06 -20.73 -36.09
N ALA A 227 24.32 -20.44 -35.76
CA ALA A 227 25.41 -21.13 -36.44
C ALA A 227 25.25 -22.63 -36.32
N LEU A 228 25.03 -23.14 -35.11
CA LEU A 228 24.86 -24.58 -34.95
C LEU A 228 23.72 -25.08 -35.83
N LEU A 229 22.59 -24.40 -35.80
CA LEU A 229 21.47 -24.81 -36.62
C LEU A 229 21.90 -24.88 -38.07
N TRP A 230 22.65 -23.89 -38.52
CA TRP A 230 23.03 -23.89 -39.93
C TRP A 230 23.82 -25.13 -40.27
N MET A 231 24.65 -25.60 -39.33
CA MET A 231 25.49 -26.75 -39.64
C MET A 231 24.65 -28.01 -39.80
N GLU A 232 23.52 -28.08 -39.11
CA GLU A 232 22.73 -29.32 -39.09
C GLU A 232 21.62 -29.32 -40.13
N ILE A 233 20.71 -28.35 -40.06
CA ILE A 233 19.56 -28.36 -40.94
C ILE A 233 19.71 -27.42 -42.13
N GLY A 234 20.72 -26.56 -42.14
CA GLY A 234 20.95 -25.73 -43.30
C GLY A 234 20.02 -24.54 -43.39
N ILE A 235 19.83 -24.07 -44.62
CA ILE A 235 19.10 -22.84 -44.88
C ILE A 235 17.74 -22.83 -44.21
N SER A 236 17.11 -24.00 -44.07
CA SER A 236 15.77 -24.04 -43.54
C SER A 236 15.70 -23.42 -42.14
N CYS A 237 16.80 -23.44 -41.39
CA CYS A 237 16.77 -22.87 -40.05
C CYS A 237 16.25 -21.44 -40.09
N LEU A 238 16.70 -20.65 -41.08
CA LEU A 238 16.27 -19.27 -41.17
C LEU A 238 14.75 -19.18 -41.11
N ALA A 239 14.06 -20.00 -41.89
CA ALA A 239 12.61 -20.02 -41.85
C ALA A 239 12.13 -20.04 -40.41
N GLY A 240 12.49 -21.10 -39.69
CA GLY A 240 12.10 -21.17 -38.30
C GLY A 240 12.64 -20.01 -37.50
N MET A 241 13.92 -19.71 -37.68
CA MET A 241 14.50 -18.59 -36.95
C MET A 241 13.73 -17.31 -37.22
N ALA A 242 13.28 -17.11 -38.47
CA ALA A 242 12.53 -15.92 -38.78
C ALA A 242 11.37 -15.76 -37.82
N VAL A 243 10.59 -16.83 -37.64
CA VAL A 243 9.41 -16.75 -36.78
C VAL A 243 9.81 -16.33 -35.39
N LEU A 244 10.93 -16.85 -34.90
CA LEU A 244 11.33 -16.52 -33.54
C LEU A 244 11.57 -15.02 -33.41
N ILE A 245 12.22 -14.41 -34.40
CA ILE A 245 12.47 -12.97 -34.32
C ILE A 245 11.16 -12.21 -34.32
N ILE A 246 10.16 -12.69 -35.07
CA ILE A 246 8.87 -12.03 -35.08
C ILE A 246 8.24 -11.99 -33.70
N LEU A 247 8.63 -12.90 -32.80
CA LEU A 247 8.05 -12.81 -31.47
C LEU A 247 8.58 -11.65 -30.66
N LEU A 248 9.55 -10.90 -31.16
CA LEU A 248 10.02 -9.76 -30.38
C LEU A 248 9.11 -8.54 -30.52
N PRO A 249 8.69 -8.14 -31.73
CA PRO A 249 7.74 -7.03 -31.81
C PRO A 249 6.32 -7.45 -31.44
N LEU A 250 5.92 -8.66 -31.83
CA LEU A 250 4.59 -9.13 -31.47
C LEU A 250 4.43 -9.19 -29.96
N GLN A 251 5.51 -9.42 -29.24
CA GLN A 251 5.45 -9.39 -27.79
C GLN A 251 5.34 -7.97 -27.28
N SER A 252 5.81 -6.99 -28.06
CA SER A 252 5.72 -5.59 -27.70
C SER A 252 4.66 -4.84 -28.48
N CYS A 253 3.68 -5.56 -29.02
CA CYS A 253 2.41 -4.98 -29.44
C CYS A 253 1.24 -5.66 -28.77
N PHE A 254 1.48 -6.72 -28.01
CA PHE A 254 0.59 -7.15 -26.95
C PHE A 254 0.85 -6.38 -25.66
N GLY A 255 1.74 -5.40 -25.70
CA GLY A 255 2.06 -4.63 -24.51
C GLY A 255 1.67 -3.17 -24.62
N LYS A 256 1.78 -2.61 -25.83
CA LYS A 256 1.25 -1.29 -26.13
C LYS A 256 -0.17 -1.37 -26.65
N LEU A 257 -0.87 -2.46 -26.37
CA LEU A 257 -2.31 -2.55 -26.50
C LEU A 257 -2.95 -3.08 -25.23
N PHE A 258 -2.23 -3.85 -24.44
CA PHE A 258 -2.68 -4.20 -23.11
C PHE A 258 -2.49 -3.06 -22.13
N SER A 259 -1.50 -2.20 -22.35
CA SER A 259 -1.35 -1.06 -21.47
C SER A 259 -2.29 0.08 -21.83
N SER A 260 -3.01 -0.02 -22.93
CA SER A 260 -4.08 0.90 -23.25
C SER A 260 -5.43 0.40 -22.78
N LEU A 261 -5.56 -0.91 -22.53
CA LEU A 261 -6.74 -1.48 -21.90
C LEU A 261 -6.57 -1.67 -20.41
N ARG A 262 -5.38 -1.43 -19.87
CA ARG A 262 -5.14 -1.57 -18.44
C ARG A 262 -5.08 -0.23 -17.74
N SER A 263 -4.77 0.85 -18.44
CA SER A 263 -4.92 2.19 -17.91
C SER A 263 -6.15 2.89 -18.45
N LYS A 264 -7.02 2.15 -19.14
CA LYS A 264 -8.39 2.56 -19.38
C LYS A 264 -9.35 1.87 -18.44
N THR A 265 -8.83 1.14 -17.46
CA THR A 265 -9.60 0.56 -16.38
C THR A 265 -9.45 1.34 -15.09
N ALA A 266 -8.27 1.92 -14.85
CA ALA A 266 -8.10 2.75 -13.66
C ALA A 266 -9.15 3.84 -13.59
N THR A 267 -9.50 4.42 -14.74
CA THR A 267 -10.56 5.42 -14.74
C THR A 267 -11.93 4.82 -14.45
N PHE A 268 -12.00 3.53 -14.14
CA PHE A 268 -13.23 2.86 -13.73
C PHE A 268 -13.08 2.14 -12.40
N THR A 269 -11.94 1.49 -12.20
CA THR A 269 -11.66 0.91 -10.90
C THR A 269 -11.62 1.97 -9.83
N ASP A 270 -11.05 3.14 -10.12
CA ASP A 270 -10.96 4.18 -9.11
C ASP A 270 -12.29 4.87 -8.88
N ALA A 271 -13.10 5.03 -9.93
CA ALA A 271 -14.46 5.49 -9.71
C ALA A 271 -15.22 4.56 -8.78
N ARG A 272 -15.13 3.25 -9.04
CA ARG A 272 -15.82 2.29 -8.19
C ARG A 272 -15.29 2.33 -6.78
N ILE A 273 -13.98 2.41 -6.60
CA ILE A 273 -13.45 2.39 -5.24
C ILE A 273 -13.84 3.64 -4.50
N ARG A 274 -13.89 4.79 -5.19
CA ARG A 274 -14.32 6.01 -4.54
C ARG A 274 -15.78 5.93 -4.12
N THR A 275 -16.63 5.42 -4.99
CA THR A 275 -18.03 5.25 -4.60
C THR A 275 -18.14 4.27 -3.43
N MET A 276 -17.32 3.23 -3.42
CA MET A 276 -17.21 2.41 -2.23
C MET A 276 -16.88 3.24 -1.01
N ASN A 277 -15.91 4.15 -1.13
CA ASN A 277 -15.47 4.87 0.05
C ASN A 277 -16.62 5.68 0.60
N GLU A 278 -17.39 6.30 -0.28
CA GLU A 278 -18.54 7.06 0.19
C GLU A 278 -19.64 6.16 0.76
N VAL A 279 -19.90 5.01 0.13
CA VAL A 279 -20.98 4.16 0.60
C VAL A 279 -20.65 3.56 1.96
N ILE A 280 -19.43 3.04 2.12
CA ILE A 280 -19.05 2.44 3.38
C ILE A 280 -18.89 3.49 4.46
N THR A 281 -18.31 4.65 4.13
CA THR A 281 -18.15 5.70 5.13
C THR A 281 -19.49 6.14 5.69
N GLY A 282 -20.32 6.75 4.85
CA GLY A 282 -21.63 7.16 5.31
C GLY A 282 -22.67 6.08 5.06
N ILE A 283 -22.61 5.00 5.81
CA ILE A 283 -23.61 3.96 5.61
C ILE A 283 -24.81 4.16 6.52
N ARG A 284 -24.61 4.77 7.70
CA ARG A 284 -25.75 5.07 8.54
C ARG A 284 -26.69 6.03 7.85
N ILE A 285 -26.14 7.02 7.16
CA ILE A 285 -26.98 7.98 6.45
C ILE A 285 -27.71 7.32 5.30
N ILE A 286 -27.03 6.47 4.54
CA ILE A 286 -27.67 5.80 3.41
C ILE A 286 -28.78 4.90 3.88
N LYS A 287 -28.56 4.15 4.97
CA LYS A 287 -29.62 3.29 5.46
C LYS A 287 -30.78 4.09 6.01
N MET A 288 -30.49 5.11 6.83
CA MET A 288 -31.56 5.90 7.41
C MET A 288 -32.41 6.54 6.32
N TYR A 289 -31.77 7.12 5.31
CA TYR A 289 -32.52 7.68 4.19
C TYR A 289 -33.18 6.60 3.34
N ALA A 290 -32.77 5.34 3.52
CA ALA A 290 -33.26 4.24 2.70
C ALA A 290 -32.95 4.46 1.23
N TRP A 291 -31.66 4.67 0.94
CA TRP A 291 -31.24 5.02 -0.41
C TRP A 291 -30.47 3.92 -1.12
N GLU A 292 -30.09 2.83 -0.44
CA GLU A 292 -29.00 2.06 -0.98
C GLU A 292 -29.32 1.37 -2.30
N LYS A 293 -30.57 1.34 -2.73
CA LYS A 293 -30.80 0.87 -4.10
C LYS A 293 -30.16 1.82 -5.11
N SER A 294 -30.12 3.11 -4.81
CA SER A 294 -29.49 4.04 -5.74
C SER A 294 -28.00 3.77 -5.85
N PHE A 295 -27.32 3.57 -4.72
CA PHE A 295 -25.90 3.28 -4.79
C PHE A 295 -25.63 1.90 -5.35
N SER A 296 -26.53 0.95 -5.12
CA SER A 296 -26.41 -0.34 -5.76
C SER A 296 -26.47 -0.21 -7.28
N ASN A 297 -27.37 0.63 -7.78
CA ASN A 297 -27.41 0.88 -9.23
C ASN A 297 -26.12 1.51 -9.72
N LEU A 298 -25.63 2.51 -9.00
CA LEU A 298 -24.43 3.19 -9.46
C LEU A 298 -23.24 2.25 -9.50
N ILE A 299 -23.08 1.43 -8.46
CA ILE A 299 -21.94 0.53 -8.40
C ILE A 299 -22.08 -0.59 -9.40
N THR A 300 -23.30 -1.07 -9.64
CA THR A 300 -23.46 -2.06 -10.69
C THR A 300 -23.04 -1.49 -12.03
N ASN A 301 -23.42 -0.26 -12.34
CA ASN A 301 -23.00 0.30 -13.62
C ASN A 301 -21.48 0.43 -13.70
N LEU A 302 -20.84 0.90 -12.63
CA LEU A 302 -19.39 1.03 -12.69
C LEU A 302 -18.69 -0.32 -12.79
N ARG A 303 -19.16 -1.31 -12.02
CA ARG A 303 -18.51 -2.60 -12.06
C ARG A 303 -18.70 -3.28 -13.40
N LYS A 304 -19.87 -3.14 -14.02
CA LYS A 304 -20.04 -3.68 -15.35
C LYS A 304 -19.13 -2.99 -16.36
N LYS A 305 -18.96 -1.68 -16.24
CA LYS A 305 -18.05 -1.01 -17.17
C LYS A 305 -16.59 -1.18 -16.81
N GLU A 306 -16.26 -1.81 -15.69
CA GLU A 306 -14.86 -2.20 -15.61
C GLU A 306 -14.67 -3.66 -15.96
N ILE A 307 -15.71 -4.48 -15.82
CA ILE A 307 -15.61 -5.85 -16.31
C ILE A 307 -15.51 -5.88 -17.81
N SER A 308 -16.10 -4.92 -18.52
CA SER A 308 -15.83 -4.89 -19.95
C SER A 308 -14.34 -4.78 -20.24
N LYS A 309 -13.65 -3.86 -19.57
CA LYS A 309 -12.23 -3.72 -19.87
C LYS A 309 -11.40 -4.84 -19.26
N ILE A 310 -11.79 -5.37 -18.10
CA ILE A 310 -11.09 -6.52 -17.54
C ILE A 310 -11.23 -7.70 -18.47
N LEU A 311 -12.37 -7.82 -19.11
CA LEU A 311 -12.65 -8.98 -19.95
C LEU A 311 -11.90 -8.86 -21.27
N ARG A 312 -11.77 -7.65 -21.81
CA ARG A 312 -10.93 -7.46 -22.99
C ARG A 312 -9.46 -7.67 -22.66
N SER A 313 -8.99 -7.08 -21.58
CA SER A 313 -7.58 -7.23 -21.23
C SER A 313 -7.23 -8.68 -20.94
N SER A 314 -8.15 -9.42 -20.32
CA SER A 314 -7.84 -10.81 -20.01
C SER A 314 -7.94 -11.70 -21.25
N CYS A 315 -8.92 -11.50 -22.11
CA CYS A 315 -8.89 -12.21 -23.38
C CYS A 315 -7.57 -11.98 -24.10
N LEU A 316 -7.06 -10.76 -24.06
CA LEU A 316 -5.78 -10.49 -24.73
C LEU A 316 -4.62 -11.16 -24.01
N ARG A 317 -4.60 -11.12 -22.68
CA ARG A 317 -3.54 -11.80 -21.93
C ARG A 317 -3.53 -13.28 -22.22
N GLY A 318 -4.71 -13.89 -22.29
CA GLY A 318 -4.78 -15.30 -22.58
C GLY A 318 -4.28 -15.62 -23.98
N MET A 319 -4.58 -14.76 -24.94
CA MET A 319 -4.00 -14.99 -26.26
C MET A 319 -2.48 -14.90 -26.22
N ASN A 320 -1.94 -13.97 -25.45
CA ASN A 320 -0.48 -13.88 -25.34
C ASN A 320 0.10 -15.14 -24.73
N LEU A 321 -0.53 -15.66 -23.68
CA LEU A 321 0.03 -16.82 -23.01
C LEU A 321 -0.10 -18.07 -23.87
N ALA A 322 -1.15 -18.16 -24.68
CA ALA A 322 -1.22 -19.25 -25.64
C ALA A 322 -0.20 -19.09 -26.76
N SER A 323 0.15 -17.86 -27.13
CA SER A 323 1.24 -17.68 -28.07
C SER A 323 2.55 -18.15 -27.47
N PHE A 324 2.76 -17.90 -26.19
CA PHE A 324 3.96 -18.39 -25.53
C PHE A 324 3.98 -19.91 -25.50
N PHE A 325 2.82 -20.52 -25.30
CA PHE A 325 2.74 -21.98 -25.25
C PHE A 325 3.00 -22.62 -26.60
N SER A 326 2.39 -22.11 -27.66
CA SER A 326 2.48 -22.73 -28.96
C SER A 326 3.53 -22.13 -29.88
N ALA A 327 4.32 -21.17 -29.41
CA ALA A 327 5.38 -20.63 -30.26
C ALA A 327 6.36 -21.69 -30.65
N SER A 328 6.76 -22.54 -29.71
CA SER A 328 7.74 -23.57 -30.02
C SER A 328 7.21 -24.52 -31.07
N LYS A 329 5.94 -24.86 -30.98
CA LYS A 329 5.35 -25.73 -31.98
C LYS A 329 5.37 -25.07 -33.35
N ILE A 330 5.03 -23.80 -33.44
CA ILE A 330 4.99 -23.19 -34.75
C ILE A 330 6.40 -23.07 -35.33
N ILE A 331 7.39 -22.71 -34.50
CA ILE A 331 8.76 -22.63 -35.01
C ILE A 331 9.20 -23.96 -35.59
N VAL A 332 9.03 -25.03 -34.82
CA VAL A 332 9.50 -26.34 -35.28
C VAL A 332 8.73 -26.75 -36.53
N PHE A 333 7.43 -26.46 -36.57
CA PHE A 333 6.61 -26.89 -37.69
C PHE A 333 7.04 -26.21 -38.97
N VAL A 334 7.25 -24.90 -38.93
CA VAL A 334 7.64 -24.20 -40.15
C VAL A 334 9.06 -24.58 -40.53
N THR A 335 9.94 -24.78 -39.54
CA THR A 335 11.30 -25.20 -39.84
C THR A 335 11.31 -26.50 -40.61
N PHE A 336 10.60 -27.51 -40.12
CA PHE A 336 10.71 -28.80 -40.74
C PHE A 336 9.82 -28.95 -41.96
N THR A 337 8.76 -28.16 -42.09
CA THR A 337 8.07 -28.13 -43.37
C THR A 337 8.97 -27.57 -44.45
N THR A 338 9.69 -26.49 -44.15
CA THR A 338 10.64 -25.97 -45.13
C THR A 338 11.79 -26.94 -45.34
N TYR A 339 12.23 -27.60 -44.27
CA TYR A 339 13.32 -28.57 -44.37
C TYR A 339 12.95 -29.71 -45.29
N VAL A 340 11.73 -30.22 -45.17
CA VAL A 340 11.30 -31.30 -46.02
C VAL A 340 11.02 -30.83 -47.43
N LEU A 341 10.41 -29.65 -47.59
CA LEU A 341 9.96 -29.25 -48.92
C LEU A 341 11.14 -28.98 -49.85
N LEU A 342 12.24 -28.45 -49.33
CA LEU A 342 13.41 -28.26 -50.18
C LEU A 342 14.03 -29.56 -50.66
N GLY A 343 13.45 -30.71 -50.35
CA GLY A 343 13.92 -31.96 -50.91
C GLY A 343 14.79 -32.78 -50.00
N SER A 344 15.07 -32.33 -48.79
CA SER A 344 15.83 -33.17 -47.86
C SER A 344 14.89 -34.18 -47.22
N VAL A 345 15.37 -34.87 -46.19
CA VAL A 345 14.61 -35.92 -45.55
C VAL A 345 14.77 -35.77 -44.04
N ILE A 346 13.86 -36.37 -43.30
CA ILE A 346 13.87 -36.27 -41.84
C ILE A 346 14.51 -37.51 -41.25
N THR A 347 15.55 -37.30 -40.47
CA THR A 347 16.16 -38.33 -39.65
C THR A 347 16.05 -37.90 -38.20
N ALA A 348 16.14 -38.85 -37.30
CA ALA A 348 15.73 -38.53 -35.94
C ALA A 348 16.81 -37.84 -35.13
N SER A 349 18.00 -37.62 -35.67
CA SER A 349 19.03 -36.91 -34.92
C SER A 349 18.98 -35.41 -35.17
N ARG A 350 18.89 -35.00 -36.42
CA ARG A 350 18.77 -33.57 -36.73
C ARG A 350 17.47 -32.98 -36.20
N VAL A 351 16.38 -33.73 -36.29
CA VAL A 351 15.11 -33.24 -35.80
C VAL A 351 15.21 -32.84 -34.33
N PHE A 352 15.72 -33.75 -33.51
CA PHE A 352 15.66 -33.54 -32.08
C PHE A 352 16.92 -32.90 -31.52
N VAL A 353 17.87 -32.50 -32.36
CA VAL A 353 18.77 -31.44 -31.98
C VAL A 353 18.13 -30.09 -32.25
N ALA A 354 17.70 -29.87 -33.50
CA ALA A 354 17.13 -28.59 -33.85
C ALA A 354 16.02 -28.20 -32.90
N VAL A 355 15.23 -29.17 -32.43
CA VAL A 355 14.19 -28.83 -31.47
C VAL A 355 14.80 -28.26 -30.21
N THR A 356 15.90 -28.84 -29.72
CA THR A 356 16.47 -28.37 -28.47
C THR A 356 17.15 -27.00 -28.64
N LEU A 357 17.81 -26.80 -29.77
CA LEU A 357 18.38 -25.49 -30.07
C LEU A 357 17.29 -24.43 -30.08
N TYR A 358 16.16 -24.72 -30.74
CA TYR A 358 15.06 -23.76 -30.72
C TYR A 358 14.55 -23.54 -29.32
N GLY A 359 14.55 -24.58 -28.49
CA GLY A 359 14.13 -24.39 -27.12
C GLY A 359 14.98 -23.36 -26.40
N ALA A 360 16.30 -23.49 -26.52
CA ALA A 360 17.20 -22.58 -25.82
C ALA A 360 17.06 -21.16 -26.34
N VAL A 361 17.15 -20.99 -27.66
CA VAL A 361 17.14 -19.64 -28.18
C VAL A 361 15.76 -19.02 -28.08
N ARG A 362 14.69 -19.81 -27.97
CA ARG A 362 13.38 -19.21 -27.74
C ARG A 362 13.27 -18.73 -26.31
N LEU A 363 13.77 -19.51 -25.36
CA LEU A 363 13.71 -19.02 -23.99
C LEU A 363 14.52 -17.76 -23.81
N THR A 364 15.61 -17.60 -24.56
CA THR A 364 16.37 -16.35 -24.44
C THR A 364 15.72 -15.21 -25.19
N VAL A 365 15.45 -15.39 -26.48
CA VAL A 365 15.00 -14.28 -27.30
C VAL A 365 13.64 -13.77 -26.87
N THR A 366 12.70 -14.65 -26.56
CA THR A 366 11.36 -14.15 -26.34
C THR A 366 11.09 -13.75 -24.90
N LEU A 367 11.93 -14.15 -23.95
CA LEU A 367 11.58 -13.96 -22.55
C LEU A 367 12.63 -13.20 -21.75
N PHE A 368 13.90 -13.57 -21.84
CA PHE A 368 14.93 -12.94 -21.02
C PHE A 368 15.45 -11.66 -21.61
N PHE A 369 15.66 -11.61 -22.92
CA PHE A 369 16.20 -10.39 -23.53
C PHE A 369 15.22 -9.23 -23.43
N PRO A 370 13.94 -9.36 -23.79
CA PRO A 370 13.03 -8.23 -23.55
C PRO A 370 12.90 -7.85 -22.08
N SER A 371 12.94 -8.82 -21.17
CA SER A 371 12.88 -8.46 -19.77
C SER A 371 14.11 -7.66 -19.36
N ALA A 372 15.29 -8.01 -19.87
CA ALA A 372 16.46 -7.24 -19.54
C ALA A 372 16.39 -5.84 -20.12
N ILE A 373 15.79 -5.71 -21.30
CA ILE A 373 15.65 -4.37 -21.87
C ILE A 373 14.75 -3.51 -20.99
N GLU A 374 13.59 -4.05 -20.61
CA GLU A 374 12.71 -3.29 -19.73
C GLU A 374 13.41 -2.91 -18.44
N ARG A 375 14.11 -3.85 -17.83
CA ARG A 375 14.65 -3.59 -16.51
C ARG A 375 15.86 -2.66 -16.56
N VAL A 376 16.66 -2.69 -17.63
CA VAL A 376 17.71 -1.70 -17.77
C VAL A 376 17.14 -0.32 -18.03
N SER A 377 16.06 -0.23 -18.81
CA SER A 377 15.44 1.08 -18.98
C SER A 377 14.94 1.63 -17.64
N GLU A 378 14.30 0.79 -16.84
CA GLU A 378 13.82 1.25 -15.54
C GLU A 378 14.97 1.66 -14.64
N ALA A 379 16.06 0.89 -14.63
CA ALA A 379 17.17 1.27 -13.75
C ALA A 379 17.88 2.52 -14.24
N ILE A 380 17.92 2.77 -15.54
CA ILE A 380 18.50 4.03 -16.01
C ILE A 380 17.62 5.21 -15.61
N VAL A 381 16.30 5.07 -15.75
CA VAL A 381 15.43 6.15 -15.29
C VAL A 381 15.65 6.41 -13.80
N SER A 382 15.73 5.35 -13.01
CA SER A 382 15.93 5.53 -11.58
C SER A 382 17.27 6.17 -11.27
N ILE A 383 18.31 5.82 -12.03
CA ILE A 383 19.60 6.46 -11.81
C ILE A 383 19.52 7.92 -12.16
N ARG A 384 18.75 8.28 -13.18
CA ARG A 384 18.57 9.70 -13.46
C ARG A 384 17.88 10.42 -12.31
N ARG A 385 16.85 9.82 -11.73
CA ARG A 385 16.16 10.47 -10.61
C ARG A 385 17.11 10.67 -9.44
N ILE A 386 17.84 9.63 -9.06
CA ILE A 386 18.78 9.81 -7.95
C ILE A 386 19.91 10.74 -8.34
N GLN A 387 20.26 10.80 -9.61
CA GLN A 387 21.24 11.76 -10.09
C GLN A 387 20.79 13.17 -9.80
N THR A 388 19.57 13.51 -10.19
CA THR A 388 19.07 14.85 -9.90
C THR A 388 19.03 15.09 -8.41
N PHE A 389 18.57 14.11 -7.65
CA PHE A 389 18.48 14.31 -6.21
C PHE A 389 19.84 14.52 -5.57
N LEU A 390 20.92 14.10 -6.20
CA LEU A 390 22.24 14.27 -5.59
C LEU A 390 22.94 15.54 -6.03
N LEU A 391 22.27 16.40 -6.78
CA LEU A 391 22.83 17.68 -7.20
C LEU A 391 22.11 18.87 -6.60
N LEU A 392 21.14 18.65 -5.72
CA LEU A 392 20.48 19.74 -5.03
C LEU A 392 21.50 20.56 -4.25
N ASP A 393 21.26 21.87 -4.16
CA ASP A 393 22.21 22.75 -3.51
C ASP A 393 22.36 22.39 -2.04
N GLU A 394 23.61 22.27 -1.60
CA GLU A 394 23.92 21.83 -0.25
C GLU A 394 23.89 23.02 0.71
N ILE A 395 24.37 22.80 1.93
CA ILE A 395 24.49 23.84 2.92
C ILE A 395 25.97 24.12 3.14
N SER A 396 26.32 25.40 3.21
CA SER A 396 27.67 25.77 3.61
C SER A 396 28.00 25.12 4.93
N GLN A 397 29.02 24.27 4.94
CA GLN A 397 29.49 23.70 6.19
C GLN A 397 29.97 24.83 7.09
N ARG A 398 29.81 24.65 8.40
CA ARG A 398 30.27 25.67 9.34
C ARG A 398 31.77 25.87 9.14
N ASN A 399 32.14 27.03 8.60
CA ASN A 399 33.48 27.26 8.09
C ASN A 399 34.40 27.72 9.23
N ARG A 400 35.58 28.23 8.85
CA ARG A 400 36.55 28.72 9.81
C ARG A 400 35.94 29.81 10.68
N GLN A 401 35.74 29.51 11.96
CA GLN A 401 35.22 30.51 12.88
C GLN A 401 36.23 31.63 13.06
N LEU A 402 35.73 32.83 13.33
CA LEU A 402 36.61 33.94 13.63
C LEU A 402 37.34 33.70 14.95
N PRO A 403 38.63 34.05 15.05
CA PRO A 403 39.37 33.72 16.27
C PRO A 403 38.87 34.47 17.49
N SER A 404 38.28 33.73 18.43
CA SER A 404 37.73 34.30 19.65
C SER A 404 38.61 33.95 20.83
N ASP A 405 38.16 34.34 22.03
CA ASP A 405 38.91 34.14 23.26
C ASP A 405 38.19 33.18 24.22
N GLY A 406 37.41 32.25 23.69
CA GLY A 406 36.68 31.31 24.50
C GLY A 406 35.38 31.83 25.07
N LYS A 407 34.89 32.98 24.60
CA LYS A 407 33.65 33.57 25.10
C LYS A 407 32.47 33.04 24.29
N LYS A 408 31.79 32.04 24.84
CA LYS A 408 30.57 31.53 24.24
C LYS A 408 29.48 32.60 24.37
N MET A 409 29.08 33.18 23.25
CA MET A 409 28.23 34.36 23.27
C MET A 409 27.68 34.59 21.88
N VAL A 410 26.48 35.19 21.81
CA VAL A 410 25.76 35.37 20.56
C VAL A 410 25.73 36.86 20.25
N HIS A 411 26.11 37.23 19.03
CA HIS A 411 26.08 38.64 18.64
C HIS A 411 25.82 38.77 17.14
N VAL A 412 24.82 39.58 16.79
CA VAL A 412 24.42 39.76 15.40
C VAL A 412 24.41 41.25 15.09
N GLN A 413 24.90 41.61 13.90
CA GLN A 413 24.94 43.00 13.49
C GLN A 413 24.37 43.17 12.09
N ASP A 414 23.41 44.08 11.96
CA ASP A 414 22.89 44.56 10.67
C ASP A 414 22.48 43.40 9.78
N PHE A 415 21.77 42.44 10.36
CA PHE A 415 21.38 41.23 9.66
C PHE A 415 20.15 41.49 8.80
N THR A 416 20.24 41.12 7.53
CA THR A 416 19.14 41.17 6.56
C THR A 416 19.13 39.86 5.79
N ALA A 417 17.94 39.32 5.53
CA ALA A 417 17.87 38.01 4.89
C ALA A 417 16.56 37.86 4.14
N PHE A 418 16.55 36.90 3.22
CA PHE A 418 15.37 36.55 2.43
C PHE A 418 15.20 35.04 2.42
N TRP A 419 13.94 34.59 2.44
CA TRP A 419 13.65 33.20 2.14
C TRP A 419 13.51 32.94 0.64
N ASP A 420 13.55 33.99 -0.18
CA ASP A 420 13.41 33.88 -1.61
C ASP A 420 14.25 34.97 -2.27
N LYS A 421 14.90 34.64 -3.38
CA LYS A 421 15.60 35.65 -4.14
C LYS A 421 14.67 36.53 -4.95
N ALA A 422 13.35 36.33 -4.83
CA ALA A 422 12.38 37.16 -5.51
C ALA A 422 11.52 38.00 -4.57
N SER A 423 11.58 37.73 -3.26
CA SER A 423 10.81 38.53 -2.31
C SER A 423 11.30 39.96 -2.31
N GLU A 424 10.36 40.90 -2.16
CA GLU A 424 10.72 42.32 -2.15
C GLU A 424 11.19 42.75 -0.78
N THR A 425 10.32 42.66 0.22
CA THR A 425 10.68 43.04 1.58
C THR A 425 11.55 41.96 2.21
N PRO A 426 12.73 42.30 2.72
CA PRO A 426 13.57 41.29 3.37
C PRO A 426 12.91 40.72 4.62
N THR A 427 13.24 39.47 4.91
CA THR A 427 12.71 38.83 6.10
C THR A 427 13.16 39.58 7.36
N LEU A 428 14.40 40.04 7.37
CA LEU A 428 14.92 40.84 8.46
C LEU A 428 15.61 42.07 7.89
N GLN A 429 15.55 43.17 8.64
CA GLN A 429 16.11 44.46 8.21
C GLN A 429 17.13 44.93 9.25
N GLY A 430 18.40 44.62 9.01
CA GLY A 430 19.48 45.18 9.79
C GLY A 430 19.41 44.94 11.28
N LEU A 431 19.14 43.71 11.68
CA LEU A 431 19.04 43.38 13.10
C LEU A 431 20.43 43.34 13.72
N SER A 432 20.60 44.04 14.85
CA SER A 432 21.91 44.17 15.51
C SER A 432 21.72 44.08 17.02
N PHE A 433 21.79 42.88 17.58
CA PHE A 433 21.68 42.71 19.02
C PHE A 433 22.40 41.43 19.43
N THR A 434 22.58 41.27 20.73
CA THR A 434 23.43 40.22 21.27
C THR A 434 22.84 39.66 22.55
N VAL A 435 23.40 38.53 22.99
CA VAL A 435 23.09 37.93 24.27
C VAL A 435 24.34 37.23 24.79
N ARG A 436 24.54 37.31 26.10
CA ARG A 436 25.67 36.80 26.83
C ARG A 436 25.27 35.54 27.60
N PRO A 437 26.23 34.87 28.24
CA PRO A 437 25.86 33.79 29.14
C PRO A 437 24.94 34.26 30.25
N GLY A 438 23.96 33.42 30.60
CA GLY A 438 23.09 33.67 31.71
C GLY A 438 21.95 34.63 31.46
N GLU A 439 21.83 35.18 30.26
CA GLU A 439 20.81 36.18 29.96
C GLU A 439 19.70 35.52 29.14
N LEU A 440 18.54 35.33 29.76
CA LEU A 440 17.39 34.70 29.11
C LEU A 440 16.73 35.72 28.19
N LEU A 441 17.25 35.84 26.97
CA LEU A 441 16.64 36.71 25.98
C LEU A 441 15.28 36.16 25.56
N ALA A 442 14.34 37.08 25.34
CA ALA A 442 12.99 36.71 24.94
C ALA A 442 12.55 37.57 23.78
N VAL A 443 11.61 37.06 23.00
CA VAL A 443 11.07 37.76 21.84
C VAL A 443 9.56 37.87 21.98
N VAL A 444 9.04 39.07 21.79
CA VAL A 444 7.61 39.34 21.87
C VAL A 444 7.17 39.93 20.55
N GLY A 445 6.13 39.33 19.96
CA GLY A 445 5.62 39.78 18.69
C GLY A 445 4.51 38.88 18.19
N PRO A 446 3.49 39.47 17.58
CA PRO A 446 2.38 38.67 17.05
C PRO A 446 2.83 37.84 15.85
N VAL A 447 1.98 36.89 15.49
CA VAL A 447 2.28 36.00 14.37
C VAL A 447 2.46 36.83 13.10
N GLY A 448 3.47 36.49 12.32
CA GLY A 448 3.82 37.26 11.14
C GLY A 448 4.96 38.24 11.32
N ALA A 449 5.67 38.18 12.45
CA ALA A 449 6.78 39.10 12.68
C ALA A 449 8.10 38.56 12.16
N GLY A 450 8.31 37.26 12.24
CA GLY A 450 9.56 36.64 11.84
C GLY A 450 10.38 36.06 12.97
N LYS A 451 9.78 35.79 14.13
CA LYS A 451 10.53 35.23 15.24
C LYS A 451 11.05 33.83 14.91
N SER A 452 10.22 33.02 14.25
CA SER A 452 10.70 31.72 13.78
C SER A 452 11.85 31.90 12.80
N SER A 453 11.72 32.83 11.86
CA SER A 453 12.83 33.14 10.97
C SER A 453 14.00 33.74 11.73
N LEU A 454 13.74 34.41 12.85
CA LEU A 454 14.84 34.93 13.65
C LEU A 454 15.68 33.80 14.24
N LEU A 455 15.02 32.82 14.87
CA LEU A 455 15.78 31.67 15.36
C LEU A 455 16.43 30.90 14.21
N SER A 456 15.76 30.82 13.07
CA SER A 456 16.35 30.14 11.92
C SER A 456 17.63 30.84 11.47
N ALA A 457 17.63 32.17 11.47
CA ALA A 457 18.83 32.92 11.16
C ALA A 457 19.90 32.68 12.23
N VAL A 458 19.48 32.51 13.48
CA VAL A 458 20.43 32.19 14.55
C VAL A 458 21.13 30.87 14.25
N LEU A 459 20.36 29.86 13.84
CA LEU A 459 20.93 28.55 13.52
C LEU A 459 21.75 28.57 12.24
N GLY A 460 21.70 29.64 11.47
CA GLY A 460 22.31 29.67 10.16
C GLY A 460 21.45 29.11 9.05
N GLU A 461 20.25 28.62 9.38
CA GLU A 461 19.37 28.05 8.36
C GLU A 461 18.89 29.10 7.36
N LEU A 462 19.02 30.38 7.70
CA LEU A 462 18.67 31.46 6.80
C LEU A 462 19.96 32.17 6.37
N ALA A 463 20.19 32.24 5.07
CA ALA A 463 21.46 32.72 4.56
C ALA A 463 21.60 34.21 4.83
N PRO A 464 22.69 34.65 5.46
CA PRO A 464 22.90 36.09 5.67
C PRO A 464 23.10 36.81 4.34
N SER A 465 22.42 37.94 4.19
CA SER A 465 22.62 38.81 3.04
C SER A 465 23.47 40.03 3.39
N HIS A 466 23.36 40.53 4.61
CA HIS A 466 24.20 41.61 5.08
C HIS A 466 24.32 41.52 6.59
N GLY A 467 25.38 42.12 7.13
CA GLY A 467 25.66 42.05 8.55
C GLY A 467 26.63 40.93 8.88
N LEU A 468 26.41 40.33 10.05
CA LEU A 468 27.24 39.24 10.51
C LEU A 468 26.58 38.59 11.72
N VAL A 469 26.70 37.26 11.81
CA VAL A 469 26.21 36.50 12.95
C VAL A 469 27.39 35.77 13.58
N SER A 470 27.53 35.91 14.89
CA SER A 470 28.63 35.32 15.65
C SER A 470 28.03 34.46 16.74
N VAL A 471 28.05 33.14 16.51
CA VAL A 471 27.60 32.14 17.47
C VAL A 471 28.74 31.15 17.65
N HIS A 472 29.23 31.03 18.88
CA HIS A 472 30.44 30.25 19.19
C HIS A 472 30.13 29.31 20.35
N GLY A 473 29.77 28.09 20.03
CA GLY A 473 29.49 27.09 21.04
C GLY A 473 28.48 26.08 20.55
N ARG A 474 28.30 25.03 21.35
CA ARG A 474 27.27 24.05 21.06
C ARG A 474 25.90 24.71 21.12
N ILE A 475 25.03 24.36 20.19
CA ILE A 475 23.71 24.96 20.08
C ILE A 475 22.68 23.86 20.29
N ALA A 476 21.81 24.04 21.27
CA ALA A 476 20.64 23.21 21.45
C ALA A 476 19.44 24.01 20.95
N TYR A 477 18.60 23.38 20.15
CA TYR A 477 17.48 24.05 19.52
C TYR A 477 16.21 23.26 19.72
N VAL A 478 15.08 23.96 19.85
CA VAL A 478 13.77 23.32 19.87
C VAL A 478 12.93 23.97 18.80
N SER A 479 12.38 23.17 17.90
CA SER A 479 11.50 23.70 16.87
C SER A 479 10.16 24.12 17.48
N GLN A 480 9.43 24.95 16.74
CA GLN A 480 8.09 25.34 17.17
C GLN A 480 7.18 24.12 17.28
N GLN A 481 7.26 23.22 16.31
CA GLN A 481 6.47 22.00 16.31
C GLN A 481 7.31 20.86 16.87
N PRO A 482 6.95 20.27 18.00
CA PRO A 482 7.77 19.19 18.56
C PRO A 482 7.86 18.02 17.61
N TRP A 483 8.99 17.32 17.68
CA TRP A 483 9.33 16.28 16.70
C TRP A 483 9.88 15.06 17.44
N VAL A 484 9.23 13.92 17.25
CA VAL A 484 9.58 12.68 17.94
C VAL A 484 9.94 11.64 16.89
N PHE A 485 10.99 10.88 17.15
CA PHE A 485 11.47 9.86 16.24
C PHE A 485 11.14 8.47 16.76
N SER A 486 11.35 7.47 15.90
CA SER A 486 11.01 6.08 16.20
C SER A 486 11.95 5.53 17.26
N GLY A 487 11.47 5.40 18.49
CA GLY A 487 12.29 4.92 19.57
C GLY A 487 11.61 5.12 20.91
N THR A 488 12.25 4.56 21.94
CA THR A 488 11.71 4.65 23.28
C THR A 488 11.95 6.03 23.88
N LEU A 489 11.20 6.33 24.94
CA LEU A 489 11.21 7.67 25.53
C LEU A 489 12.57 8.01 26.12
N ARG A 490 13.21 7.05 26.81
CA ARG A 490 14.55 7.29 27.31
C ARG A 490 15.52 7.53 26.15
N SER A 491 15.41 6.72 25.10
CA SER A 491 16.18 6.94 23.89
C SER A 491 15.75 8.23 23.19
N ASN A 492 14.47 8.57 23.28
CA ASN A 492 14.01 9.84 22.71
C ASN A 492 14.71 11.02 23.36
N ILE A 493 14.83 11.00 24.69
CA ILE A 493 15.48 12.09 25.40
C ILE A 493 16.98 12.09 25.16
N LEU A 494 17.61 10.91 25.24
CA LEU A 494 19.06 10.85 25.18
C LEU A 494 19.59 11.35 23.84
N PHE A 495 18.90 11.01 22.75
CA PHE A 495 19.28 11.40 21.40
C PHE A 495 20.76 11.14 21.15
N GLY A 496 21.20 9.93 21.47
CA GLY A 496 22.56 9.51 21.25
C GLY A 496 23.49 9.73 22.41
N LYS A 497 23.13 10.61 23.35
CA LYS A 497 23.96 10.81 24.52
C LYS A 497 23.83 9.62 25.46
N LYS A 498 24.96 9.18 25.98
CA LYS A 498 24.97 8.04 26.90
C LYS A 498 24.20 8.39 28.16
N TYR A 499 23.51 7.40 28.71
CA TYR A 499 22.65 7.63 29.86
C TYR A 499 23.47 7.97 31.10
N GLU A 500 22.97 8.94 31.88
CA GLU A 500 23.55 9.30 33.16
C GLU A 500 22.40 9.45 34.16
N LYS A 501 22.50 8.73 35.29
CA LYS A 501 21.33 8.53 36.14
C LYS A 501 20.82 9.85 36.73
N GLU A 502 21.70 10.60 37.39
CA GLU A 502 21.26 11.81 38.09
C GLU A 502 20.92 12.92 37.10
N ARG A 503 21.74 13.08 36.08
CA ARG A 503 21.52 14.07 35.03
C ARG A 503 20.29 13.76 34.19
N TYR A 504 19.77 12.53 34.26
CA TYR A 504 18.49 12.18 33.65
C TYR A 504 17.34 12.28 34.63
N GLU A 505 17.56 11.99 35.91
CA GLU A 505 16.52 12.11 36.93
C GLU A 505 16.14 13.57 37.18
N LYS A 506 17.12 14.48 37.19
CA LYS A 506 16.79 15.89 37.27
C LYS A 506 16.02 16.34 36.03
N VAL A 507 16.35 15.77 34.87
CA VAL A 507 15.56 16.01 33.67
C VAL A 507 14.13 15.52 33.87
N ILE A 508 13.98 14.34 34.46
CA ILE A 508 12.66 13.77 34.68
C ILE A 508 11.83 14.67 35.59
N LYS A 509 12.40 15.09 36.71
CA LYS A 509 11.63 15.84 37.70
C LYS A 509 11.39 17.27 37.24
N ALA A 510 12.40 17.93 36.69
CA ALA A 510 12.24 19.30 36.22
C ALA A 510 11.31 19.40 35.03
N CYS A 511 11.13 18.32 34.28
CA CYS A 511 10.19 18.29 33.17
C CYS A 511 8.82 17.77 33.57
N ALA A 512 8.65 17.34 34.82
CA ALA A 512 7.39 16.80 35.32
C ALA A 512 6.89 15.65 34.45
N LEU A 513 7.82 14.76 34.08
CA LEU A 513 7.49 13.65 33.20
C LEU A 513 6.86 12.47 33.93
N LYS A 514 6.80 12.52 35.26
CA LYS A 514 6.41 11.33 36.03
C LYS A 514 4.99 10.87 35.71
N LYS A 515 4.07 11.82 35.52
CA LYS A 515 2.70 11.47 35.20
C LYS A 515 2.62 10.66 33.92
N ASP A 516 3.26 11.16 32.86
CA ASP A 516 3.20 10.51 31.56
C ASP A 516 3.83 9.12 31.62
N LEU A 517 4.96 9.01 32.31
CA LEU A 517 5.63 7.71 32.42
C LEU A 517 4.77 6.72 33.19
N GLN A 518 4.10 7.18 34.26
CA GLN A 518 3.20 6.30 34.99
C GLN A 518 1.95 5.95 34.19
N LEU A 519 1.60 6.75 33.19
CA LEU A 519 0.49 6.39 32.32
C LEU A 519 0.80 5.17 31.46
N LEU A 520 2.03 5.04 30.96
CA LEU A 520 2.37 4.04 29.97
C LEU A 520 2.97 2.79 30.61
N GLU A 521 3.03 1.72 29.82
CA GLU A 521 3.39 0.41 30.34
C GLU A 521 4.84 0.37 30.80
N ASP A 522 5.77 0.80 29.96
CA ASP A 522 7.19 0.61 30.22
C ASP A 522 7.79 1.74 31.06
N GLY A 523 6.98 2.45 31.83
CA GLY A 523 7.51 3.59 32.56
C GLY A 523 7.97 4.65 31.59
N ASP A 524 9.27 4.85 31.51
CA ASP A 524 9.87 5.75 30.53
C ASP A 524 10.48 5.00 29.34
N LEU A 525 10.20 3.71 29.21
CA LEU A 525 10.78 2.88 28.16
C LEU A 525 9.78 2.53 27.05
N THR A 526 8.60 3.16 27.06
CA THR A 526 7.59 2.85 26.05
C THR A 526 8.05 3.35 24.68
N VAL A 527 7.91 2.48 23.68
CA VAL A 527 8.40 2.79 22.34
C VAL A 527 7.47 3.80 21.69
N ILE A 528 8.07 4.85 21.12
CA ILE A 528 7.33 5.92 20.44
C ILE A 528 7.80 5.96 18.99
N GLY A 529 6.89 5.65 18.07
CA GLY A 529 7.22 5.61 16.67
C GLY A 529 7.25 6.98 16.03
N ASP A 530 6.72 7.05 14.81
CA ASP A 530 6.67 8.30 14.07
C ASP A 530 5.43 9.10 14.42
N ARG A 531 5.55 10.42 14.31
CA ARG A 531 4.47 11.39 14.56
C ARG A 531 3.90 11.28 15.97
N GLY A 532 4.59 10.61 16.88
CA GLY A 532 4.08 10.48 18.24
C GLY A 532 2.76 9.73 18.32
N THR A 533 2.66 8.59 17.66
CA THR A 533 1.43 7.80 17.70
C THR A 533 1.13 7.32 19.11
N THR A 534 2.14 7.13 19.94
CA THR A 534 1.96 6.74 21.33
C THR A 534 2.03 7.93 22.29
N LEU A 535 2.19 9.14 21.78
CA LEU A 535 2.31 10.33 22.62
C LEU A 535 1.26 11.36 22.27
N SER A 536 1.18 12.38 23.12
CA SER A 536 0.34 13.55 22.90
C SER A 536 1.21 14.78 22.68
N GLY A 537 0.56 15.86 22.24
CA GLY A 537 1.30 17.08 21.94
C GLY A 537 2.07 17.61 23.13
N GLY A 538 1.43 17.63 24.30
CA GLY A 538 2.14 18.03 25.51
C GLY A 538 3.30 17.11 25.82
N GLN A 539 3.10 15.80 25.66
CA GLN A 539 4.19 14.85 25.83
C GLN A 539 5.31 15.10 24.83
N LYS A 540 4.95 15.37 23.57
CA LYS A 540 5.96 15.66 22.56
C LYS A 540 6.78 16.88 22.95
N ALA A 541 6.11 17.95 23.36
CA ALA A 541 6.81 19.17 23.74
C ALA A 541 7.70 18.93 24.95
N ARG A 542 7.19 18.20 25.95
CA ARG A 542 7.98 17.97 27.15
C ARG A 542 9.20 17.11 26.87
N VAL A 543 9.05 16.08 26.03
CA VAL A 543 10.20 15.24 25.71
C VAL A 543 11.20 16.02 24.85
N ASN A 544 10.71 16.89 23.98
CA ASN A 544 11.62 17.73 23.21
C ASN A 544 12.39 18.67 24.13
N LEU A 545 11.72 19.26 25.11
CA LEU A 545 12.40 20.07 26.10
C LEU A 545 13.41 19.25 26.88
N ALA A 546 13.05 18.01 27.23
CA ALA A 546 13.97 17.14 27.95
C ALA A 546 15.21 16.85 27.12
N ARG A 547 15.04 16.62 25.82
CA ARG A 547 16.18 16.43 24.93
C ARG A 547 17.06 17.67 24.92
N ALA A 548 16.44 18.85 24.81
CA ALA A 548 17.20 20.08 24.80
C ALA A 548 18.00 20.25 26.10
N VAL A 549 17.38 19.91 27.23
CA VAL A 549 18.04 20.07 28.51
C VAL A 549 19.20 19.08 28.65
N TYR A 550 18.96 17.82 28.30
CA TYR A 550 19.98 16.80 28.51
C TYR A 550 21.15 16.97 27.55
N GLN A 551 20.90 17.41 26.32
CA GLN A 551 22.01 17.66 25.40
C GLN A 551 22.94 18.73 25.96
N ASP A 552 22.39 19.68 26.73
CA ASP A 552 23.15 20.56 27.60
C ASP A 552 24.30 21.25 26.85
N ALA A 553 23.92 22.05 25.86
CA ALA A 553 24.86 22.84 25.07
C ALA A 553 25.18 24.14 25.80
N ASP A 554 25.77 25.09 25.07
CA ASP A 554 25.91 26.44 25.61
C ASP A 554 24.69 27.29 25.30
N ILE A 555 24.34 27.45 24.03
CA ILE A 555 23.30 28.36 23.59
C ILE A 555 22.04 27.56 23.30
N TYR A 556 20.93 27.94 23.92
CA TYR A 556 19.68 27.21 23.78
C TYR A 556 18.68 28.11 23.09
N LEU A 557 17.90 27.55 22.18
CA LEU A 557 16.84 28.26 21.48
C LEU A 557 15.53 27.54 21.72
N LEU A 558 14.50 28.27 22.13
CA LEU A 558 13.23 27.68 22.50
C LEU A 558 12.11 28.48 21.84
N ASP A 559 11.43 27.88 20.87
CA ASP A 559 10.41 28.57 20.10
C ASP A 559 9.03 28.01 20.48
N ASP A 560 8.24 28.85 21.14
CA ASP A 560 6.87 28.52 21.54
C ASP A 560 6.79 27.16 22.24
N PRO A 561 7.45 27.00 23.40
CA PRO A 561 7.47 25.69 24.04
C PRO A 561 6.22 25.39 24.85
N LEU A 562 5.64 26.39 25.50
CA LEU A 562 4.60 26.18 26.50
C LEU A 562 3.20 26.45 25.99
N SER A 563 3.03 26.71 24.70
CA SER A 563 1.72 27.10 24.18
C SER A 563 0.71 25.96 24.27
N ALA A 564 1.11 24.76 23.87
CA ALA A 564 0.18 23.64 23.74
C ALA A 564 0.06 22.79 25.00
N VAL A 565 0.65 23.22 26.12
CA VAL A 565 0.60 22.47 27.36
C VAL A 565 -0.25 23.23 28.38
N ASP A 566 -0.48 22.58 29.52
CA ASP A 566 -1.31 23.16 30.57
C ASP A 566 -0.58 24.29 31.27
N ALA A 567 -1.35 25.12 31.97
CA ALA A 567 -0.77 26.31 32.60
C ALA A 567 0.22 25.95 33.70
N GLU A 568 -0.13 24.97 34.54
CA GLU A 568 0.71 24.67 35.70
C GLU A 568 2.03 24.03 35.29
N VAL A 569 1.99 23.04 34.40
CA VAL A 569 3.22 22.40 33.95
C VAL A 569 4.07 23.38 33.14
N SER A 570 3.43 24.23 32.34
CA SER A 570 4.17 25.25 31.61
C SER A 570 4.87 26.21 32.57
N ARG A 571 4.17 26.62 33.63
CA ARG A 571 4.79 27.47 34.65
C ARG A 571 5.96 26.76 35.31
N HIS A 572 5.80 25.47 35.61
CA HIS A 572 6.89 24.70 36.21
C HIS A 572 8.09 24.64 35.28
N LEU A 573 7.86 24.38 33.99
CA LEU A 573 8.95 24.29 33.04
C LEU A 573 9.67 25.63 32.88
N PHE A 574 8.90 26.73 32.82
CA PHE A 574 9.52 28.03 32.66
C PHE A 574 10.29 28.45 33.91
N GLU A 575 9.75 28.12 35.09
CA GLU A 575 10.35 28.62 36.32
C GLU A 575 11.50 27.72 36.79
N LEU A 576 11.21 26.46 37.08
CA LEU A 576 12.21 25.60 37.69
C LEU A 576 13.16 24.98 36.67
N CYS A 577 12.93 25.20 35.38
CA CYS A 577 13.88 24.81 34.35
C CYS A 577 14.41 26.02 33.58
N ILE A 578 13.52 26.81 32.98
CA ILE A 578 13.98 27.91 32.13
C ILE A 578 14.49 29.06 32.98
N CYS A 579 13.75 29.43 34.03
CA CYS A 579 14.23 30.48 34.91
C CYS A 579 15.37 30.01 35.81
N GLN A 580 15.26 28.80 36.36
CA GLN A 580 16.21 28.32 37.37
C GLN A 580 17.41 27.62 36.72
N ILE A 581 17.16 26.52 36.02
CA ILE A 581 18.26 25.73 35.47
C ILE A 581 19.00 26.53 34.40
N LEU A 582 18.28 27.32 33.63
CA LEU A 582 18.86 27.98 32.47
C LEU A 582 19.39 29.36 32.79
N HIS A 583 19.34 29.78 34.06
CA HIS A 583 19.91 31.06 34.45
C HIS A 583 21.42 31.11 34.26
N GLU A 584 22.06 29.95 34.16
CA GLU A 584 23.48 29.87 33.83
C GLU A 584 23.71 29.48 32.37
N LYS A 585 22.66 29.52 31.55
CA LYS A 585 22.73 29.06 30.16
C LYS A 585 22.30 30.17 29.23
N ILE A 586 23.08 30.36 28.15
CA ILE A 586 22.66 31.27 27.09
C ILE A 586 21.32 30.78 26.55
N THR A 587 20.36 31.68 26.43
CA THR A 587 19.02 31.27 26.02
C THR A 587 18.35 32.35 25.19
N ILE A 588 17.67 31.92 24.13
CA ILE A 588 16.79 32.76 23.33
C ILE A 588 15.42 32.09 23.33
N LEU A 589 14.37 32.87 23.56
CA LEU A 589 13.01 32.33 23.61
C LEU A 589 12.10 33.13 22.69
N VAL A 590 11.25 32.42 21.97
CA VAL A 590 10.11 33.00 21.27
C VAL A 590 8.85 32.55 22.00
N THR A 591 8.02 33.51 22.42
CA THR A 591 6.93 33.23 23.34
C THR A 591 5.63 33.82 22.82
N HIS A 592 4.52 33.35 23.39
CA HIS A 592 3.19 33.87 23.10
C HIS A 592 2.36 34.12 24.35
N GLN A 593 2.83 33.73 25.53
CA GLN A 593 2.12 33.99 26.78
C GLN A 593 2.81 35.10 27.55
N LEU A 594 2.03 36.10 27.97
CA LEU A 594 2.56 37.32 28.54
C LEU A 594 3.05 37.15 29.98
N GLN A 595 2.43 36.25 30.75
CA GLN A 595 2.78 36.13 32.16
C GLN A 595 4.26 35.85 32.37
N TYR A 596 4.88 35.14 31.43
CA TYR A 596 6.28 34.78 31.56
C TYR A 596 7.23 35.92 31.25
N LEU A 597 6.76 36.97 30.59
CA LEU A 597 7.65 38.05 30.18
C LEU A 597 8.29 38.75 31.37
N LYS A 598 7.64 38.71 32.54
CA LYS A 598 8.23 39.30 33.74
C LYS A 598 9.55 38.62 34.09
N ALA A 599 9.66 37.31 33.83
CA ALA A 599 10.86 36.56 34.14
C ALA A 599 11.93 36.69 33.05
N ALA A 600 11.64 37.40 31.97
CA ALA A 600 12.61 37.59 30.89
C ALA A 600 13.61 38.67 31.29
N SER A 601 14.88 38.28 31.46
CA SER A 601 15.90 39.26 31.79
C SER A 601 16.15 40.23 30.64
N GLN A 602 15.69 39.90 29.44
CA GLN A 602 15.70 40.80 28.30
C GLN A 602 14.42 40.58 27.51
N ILE A 603 14.02 41.60 26.77
CA ILE A 603 12.84 41.51 25.91
C ILE A 603 13.18 42.12 24.56
N LEU A 604 12.83 41.43 23.49
CA LEU A 604 13.02 41.88 22.12
C LEU A 604 11.66 41.97 21.46
N ILE A 605 11.38 43.08 20.78
CA ILE A 605 10.14 43.23 20.03
C ILE A 605 10.48 43.34 18.56
N LEU A 606 9.89 42.46 17.75
CA LEU A 606 10.15 42.38 16.32
C LEU A 606 8.84 42.59 15.59
N LYS A 607 8.88 43.34 14.48
CA LYS A 607 7.69 43.63 13.71
C LYS A 607 8.09 44.03 12.30
N ASP A 608 7.41 43.45 11.31
CA ASP A 608 7.68 43.70 9.89
C ASP A 608 9.15 43.41 9.55
N GLY A 609 9.75 42.44 10.24
CA GLY A 609 11.14 42.12 10.05
C GLY A 609 12.12 43.12 10.62
N LYS A 610 11.64 44.16 11.29
CA LYS A 610 12.48 45.22 11.83
C LYS A 610 12.43 45.19 13.35
N MET A 611 13.58 45.46 13.98
CA MET A 611 13.59 45.70 15.41
C MET A 611 12.65 46.84 15.77
N VAL A 612 11.92 46.65 16.87
CA VAL A 612 11.08 47.70 17.44
C VAL A 612 11.70 48.27 18.71
N GLN A 613 12.04 47.41 19.66
CA GLN A 613 12.68 47.87 20.89
C GLN A 613 13.21 46.68 21.67
N LYS A 614 14.36 46.87 22.30
CA LYS A 614 14.94 45.92 23.25
C LYS A 614 14.99 46.56 24.63
N GLY A 615 14.61 45.77 25.64
CA GLY A 615 14.70 46.25 27.00
C GLY A 615 14.04 45.27 27.95
N THR A 616 14.23 45.53 29.23
CA THR A 616 13.64 44.69 30.26
C THR A 616 12.13 44.91 30.33
N TYR A 617 11.46 44.07 31.12
CA TYR A 617 10.01 44.17 31.27
C TYR A 617 9.61 45.54 31.84
N THR A 618 10.44 46.10 32.72
CA THR A 618 10.12 47.39 33.31
C THR A 618 10.07 48.49 32.25
N GLU A 619 11.03 48.50 31.34
CA GLU A 619 11.09 49.57 30.35
C GLU A 619 9.91 49.51 29.38
N PHE A 620 9.28 48.35 29.24
CA PHE A 620 8.12 48.23 28.37
C PHE A 620 6.82 48.44 29.14
N LEU A 621 6.84 48.24 30.47
CA LEU A 621 5.77 48.79 31.29
C LEU A 621 5.78 50.31 31.21
N LYS A 622 6.97 50.91 31.27
CA LYS A 622 7.08 52.37 31.22
C LYS A 622 6.84 52.90 29.81
N SER A 623 6.98 52.04 28.80
CA SER A 623 6.77 52.45 27.41
C SER A 623 5.32 52.83 27.12
N GLY A 624 4.39 52.42 27.97
CA GLY A 624 2.98 52.69 27.75
C GLY A 624 2.31 51.80 26.73
N ILE A 625 3.03 50.83 26.18
CA ILE A 625 2.49 49.93 25.16
C ILE A 625 2.20 48.61 25.85
N ASP A 626 0.93 48.36 26.17
CA ASP A 626 0.53 47.04 26.62
C ASP A 626 0.77 46.04 25.50
N PHE A 627 1.22 44.84 25.87
CA PHE A 627 1.57 43.85 24.87
C PHE A 627 0.36 43.47 24.02
N GLY A 628 -0.79 43.24 24.66
CA GLY A 628 -1.99 42.87 23.92
C GLY A 628 -2.39 43.89 22.88
N SER A 629 -2.01 45.16 23.07
CA SER A 629 -2.27 46.16 22.04
C SER A 629 -1.52 45.84 20.75
N LEU A 630 -0.26 45.43 20.87
CA LEU A 630 0.54 45.08 19.69
C LEU A 630 0.15 43.71 19.16
N LEU A 631 -0.20 42.78 20.05
CA LEU A 631 -0.46 41.40 19.67
C LEU A 631 -1.75 41.23 18.87
N LYS A 632 -2.57 42.28 18.76
CA LYS A 632 -3.85 42.20 18.08
C LYS A 632 -3.77 42.95 16.76
N LYS A 633 -4.36 42.36 15.71
CA LYS A 633 -4.34 42.96 14.39
C LYS A 633 -5.70 42.84 13.72
N GLY A 697 -7.08 -24.24 2.47
CA GLY A 697 -7.86 -25.47 2.36
C GLY A 697 -8.28 -25.78 0.94
N PHE A 698 -8.99 -26.89 0.74
CA PHE A 698 -9.50 -27.21 -0.58
C PHE A 698 -10.89 -26.65 -0.83
N GLN A 699 -11.67 -26.42 0.22
CA GLN A 699 -13.00 -25.85 0.03
C GLN A 699 -12.93 -24.52 -0.69
N ALA A 700 -11.87 -23.72 -0.43
CA ALA A 700 -11.75 -22.42 -1.07
C ALA A 700 -11.61 -22.56 -2.58
N TYR A 701 -10.79 -23.50 -3.04
CA TYR A 701 -10.69 -23.69 -4.48
C TYR A 701 -12.01 -24.13 -5.06
N LYS A 702 -12.73 -25.01 -4.37
CA LYS A 702 -14.00 -25.47 -4.91
C LYS A 702 -14.99 -24.33 -5.02
N ASN A 703 -15.04 -23.44 -4.02
CA ASN A 703 -15.95 -22.30 -4.10
C ASN A 703 -15.49 -21.28 -5.13
N TYR A 704 -14.19 -21.15 -5.35
CA TYR A 704 -13.73 -20.22 -6.36
C TYR A 704 -14.04 -20.74 -7.75
N PHE A 705 -14.09 -22.05 -7.92
CA PHE A 705 -14.36 -22.60 -9.24
C PHE A 705 -15.84 -22.83 -9.47
N ARG A 706 -16.61 -23.09 -8.43
CA ARG A 706 -18.04 -23.28 -8.61
C ARG A 706 -18.70 -21.99 -9.06
N ALA A 707 -18.23 -20.86 -8.55
CA ALA A 707 -18.85 -19.59 -8.90
C ALA A 707 -18.70 -19.30 -10.37
N GLY A 708 -17.55 -19.60 -10.95
CA GLY A 708 -17.32 -19.23 -12.34
C GLY A 708 -18.22 -19.94 -13.32
N ALA A 709 -18.41 -21.25 -13.13
CA ALA A 709 -19.24 -21.98 -14.08
C ALA A 709 -19.76 -23.25 -13.44
N HIS A 710 -20.84 -23.77 -14.03
CA HIS A 710 -21.38 -25.06 -13.62
C HIS A 710 -20.40 -26.16 -14.01
N TRP A 711 -20.48 -27.28 -13.29
CA TRP A 711 -19.43 -28.29 -13.40
C TRP A 711 -19.31 -28.89 -14.79
N ILE A 712 -20.35 -28.81 -15.63
CA ILE A 712 -20.20 -29.32 -16.99
C ILE A 712 -19.14 -28.53 -17.74
N VAL A 713 -19.18 -27.20 -17.63
CA VAL A 713 -18.13 -26.42 -18.27
C VAL A 713 -16.77 -26.75 -17.67
N PHE A 714 -16.75 -27.13 -16.39
CA PHE A 714 -15.47 -27.46 -15.78
C PHE A 714 -14.90 -28.76 -16.34
N ILE A 715 -15.74 -29.77 -16.55
CA ILE A 715 -15.26 -31.00 -17.17
C ILE A 715 -14.86 -30.75 -18.60
N PHE A 716 -15.58 -29.88 -19.30
CA PHE A 716 -15.12 -29.51 -20.63
C PHE A 716 -13.79 -28.80 -20.58
N LEU A 717 -13.57 -28.01 -19.54
CA LEU A 717 -12.30 -27.30 -19.40
C LEU A 717 -11.16 -28.28 -19.22
N ILE A 718 -11.36 -29.30 -18.39
CA ILE A 718 -10.34 -30.32 -18.17
C ILE A 718 -10.05 -31.08 -19.46
N LEU A 719 -11.10 -31.46 -20.19
CA LEU A 719 -10.84 -32.10 -21.47
C LEU A 719 -10.12 -31.19 -22.42
N LEU A 720 -10.30 -29.89 -22.30
CA LEU A 720 -9.65 -29.01 -23.26
C LEU A 720 -8.19 -28.80 -22.91
N ASN A 721 -7.86 -28.71 -21.62
CA ASN A 721 -6.47 -28.76 -21.19
C ASN A 721 -5.77 -30.01 -21.70
N THR A 722 -6.40 -31.17 -21.46
CA THR A 722 -5.79 -32.43 -21.86
C THR A 722 -5.62 -32.54 -23.35
N ALA A 723 -6.60 -32.09 -24.13
CA ALA A 723 -6.43 -32.13 -25.58
C ALA A 723 -5.29 -31.23 -26.02
N ALA A 724 -5.17 -30.05 -25.42
CA ALA A 724 -4.08 -29.17 -25.83
C ALA A 724 -2.74 -29.79 -25.55
N GLN A 725 -2.54 -30.30 -24.33
CA GLN A 725 -1.24 -30.89 -24.01
C GLN A 725 -0.95 -32.11 -24.86
N VAL A 726 -1.94 -32.97 -25.06
CA VAL A 726 -1.73 -34.20 -25.79
C VAL A 726 -1.42 -33.90 -27.25
N ALA A 727 -2.02 -32.87 -27.83
CA ALA A 727 -1.67 -32.54 -29.21
C ALA A 727 -0.28 -31.93 -29.29
N TYR A 728 0.10 -31.14 -28.29
CA TYR A 728 1.50 -30.71 -28.20
C TYR A 728 2.42 -31.89 -28.29
N VAL A 729 2.28 -32.85 -27.37
CA VAL A 729 3.22 -33.97 -27.31
C VAL A 729 3.15 -34.80 -28.57
N LEU A 730 1.96 -34.98 -29.13
CA LEU A 730 1.82 -35.81 -30.32
C LEU A 730 2.39 -35.17 -31.55
N GLN A 731 2.60 -33.85 -31.59
CA GLN A 731 3.29 -33.32 -32.75
C GLN A 731 4.74 -33.79 -32.79
N ASP A 732 5.47 -33.64 -31.69
CA ASP A 732 6.84 -34.12 -31.68
C ASP A 732 6.87 -35.63 -31.80
N TRP A 733 5.90 -36.32 -31.20
CA TRP A 733 5.82 -37.75 -31.44
C TRP A 733 5.63 -38.04 -32.90
N TRP A 734 4.94 -37.18 -33.62
CA TRP A 734 4.76 -37.40 -35.04
C TRP A 734 6.06 -37.29 -35.78
N LEU A 735 6.90 -36.34 -35.38
CA LEU A 735 8.23 -36.29 -35.99
C LEU A 735 9.01 -37.56 -35.67
N SER A 736 8.87 -38.06 -34.45
CA SER A 736 9.53 -39.31 -34.07
C SER A 736 9.08 -40.46 -34.94
N TYR A 737 7.77 -40.63 -35.10
CA TYR A 737 7.24 -41.70 -35.92
C TYR A 737 7.63 -41.51 -37.38
N TRP A 738 7.65 -40.27 -37.85
CA TRP A 738 8.08 -39.99 -39.22
C TRP A 738 9.51 -40.45 -39.41
N ALA A 739 10.37 -40.13 -38.46
CA ALA A 739 11.77 -40.54 -38.57
C ALA A 739 11.89 -42.04 -38.61
N ASN A 740 11.18 -42.74 -37.72
CA ASN A 740 11.24 -44.20 -37.72
C ASN A 740 10.78 -44.76 -39.05
N LYS A 741 9.68 -44.24 -39.58
CA LYS A 741 9.20 -44.72 -40.86
C LYS A 741 10.15 -44.37 -41.99
N GLN A 742 11.02 -43.37 -41.79
CA GLN A 742 12.03 -43.12 -42.80
C GLN A 742 13.20 -44.09 -42.68
N SER A 743 13.59 -44.45 -41.46
CA SER A 743 14.68 -45.39 -41.29
C SER A 743 14.36 -46.73 -41.92
N MET A 744 13.19 -47.29 -41.59
CA MET A 744 12.78 -48.59 -42.12
C MET A 744 12.34 -48.41 -43.57
N LEU A 745 13.26 -47.91 -44.39
CA LEU A 745 12.98 -47.67 -45.79
C LEU A 745 14.15 -48.18 -46.62
N ASN A 746 13.85 -48.51 -47.88
CA ASN A 746 14.76 -49.12 -48.85
C ASN A 746 15.89 -49.94 -48.25
N THR A 756 14.32 -45.34 -56.97
CA THR A 756 14.31 -45.58 -55.53
C THR A 756 12.91 -45.36 -54.97
N GLU A 757 12.68 -45.88 -53.76
CA GLU A 757 11.43 -45.62 -53.07
C GLU A 757 11.45 -44.22 -52.46
N LYS A 758 10.28 -43.75 -52.04
CA LYS A 758 10.18 -42.50 -51.32
C LYS A 758 9.16 -42.62 -50.21
N LEU A 759 8.83 -41.52 -49.56
CA LEU A 759 7.84 -41.49 -48.50
C LEU A 759 6.76 -40.49 -48.86
N ASP A 760 5.50 -40.89 -48.71
CA ASP A 760 4.39 -40.09 -49.19
C ASP A 760 4.32 -38.77 -48.43
N LEU A 761 4.72 -37.69 -49.08
CA LEU A 761 4.92 -36.43 -48.38
C LEU A 761 3.61 -35.75 -48.02
N ASN A 762 2.62 -35.83 -48.91
CA ASN A 762 1.37 -35.11 -48.68
C ASN A 762 0.69 -35.61 -47.41
N TRP A 763 0.63 -36.92 -47.23
CA TRP A 763 0.03 -37.46 -46.02
C TRP A 763 0.75 -36.95 -44.79
N TYR A 764 2.07 -37.03 -44.79
CA TYR A 764 2.82 -36.75 -43.58
C TYR A 764 2.76 -35.28 -43.22
N LEU A 765 2.96 -34.39 -44.19
CA LEU A 765 2.80 -32.97 -43.88
C LEU A 765 1.36 -32.63 -43.55
N GLY A 766 0.39 -33.33 -44.13
CA GLY A 766 -0.98 -33.06 -43.76
C GLY A 766 -1.22 -33.33 -42.30
N ILE A 767 -0.78 -34.48 -41.82
CA ILE A 767 -1.04 -34.76 -40.41
C ILE A 767 -0.18 -33.89 -39.54
N TYR A 768 1.01 -33.53 -40.00
CA TYR A 768 1.86 -32.65 -39.22
C TYR A 768 1.20 -31.29 -39.03
N SER A 769 0.66 -30.73 -40.10
CA SER A 769 -0.04 -29.46 -39.99
C SER A 769 -1.32 -29.61 -39.18
N GLY A 770 -1.98 -30.74 -39.28
CA GLY A 770 -3.15 -30.96 -38.45
C GLY A 770 -2.82 -30.96 -36.98
N LEU A 771 -1.69 -31.55 -36.62
CA LEU A 771 -1.30 -31.57 -35.23
C LEU A 771 -0.83 -30.21 -34.77
N THR A 772 -0.12 -29.47 -35.62
CA THR A 772 0.28 -28.11 -35.22
C THR A 772 -0.94 -27.21 -35.03
N VAL A 773 -1.88 -27.25 -35.95
CA VAL A 773 -3.08 -26.42 -35.83
C VAL A 773 -3.90 -26.84 -34.63
N ALA A 774 -3.97 -28.14 -34.35
CA ALA A 774 -4.69 -28.57 -33.16
C ALA A 774 -4.01 -28.04 -31.92
N THR A 775 -2.69 -28.01 -31.89
CA THR A 775 -1.99 -27.45 -30.75
C THR A 775 -2.31 -25.98 -30.58
N VAL A 776 -2.25 -25.21 -31.67
CA VAL A 776 -2.50 -23.78 -31.57
C VAL A 776 -3.93 -23.50 -31.12
N LEU A 777 -4.91 -24.12 -31.77
CA LEU A 777 -6.29 -23.84 -31.43
C LEU A 777 -6.64 -24.34 -30.04
N PHE A 778 -6.12 -25.48 -29.62
CA PHE A 778 -6.44 -25.92 -28.28
C PHE A 778 -5.73 -25.08 -27.24
N GLY A 779 -4.57 -24.50 -27.56
CA GLY A 779 -3.95 -23.58 -26.63
C GLY A 779 -4.74 -22.29 -26.47
N ILE A 780 -5.15 -21.70 -27.59
CA ILE A 780 -5.95 -20.49 -27.52
C ILE A 780 -7.28 -20.76 -26.81
N ALA A 781 -7.94 -21.86 -27.16
CA ALA A 781 -9.23 -22.16 -26.55
C ALA A 781 -9.10 -22.41 -25.06
N ARG A 782 -8.08 -23.16 -24.64
CA ARG A 782 -7.89 -23.37 -23.22
C ARG A 782 -7.63 -22.06 -22.50
N SER A 783 -6.82 -21.18 -23.07
CA SER A 783 -6.45 -19.96 -22.36
C SER A 783 -7.62 -19.00 -22.25
N LEU A 784 -8.32 -18.74 -23.36
CA LEU A 784 -9.49 -17.91 -23.27
C LEU A 784 -10.53 -18.50 -22.33
N LEU A 785 -10.74 -19.82 -22.37
CA LEU A 785 -11.79 -20.37 -21.53
C LEU A 785 -11.42 -20.31 -20.05
N VAL A 786 -10.16 -20.54 -19.70
CA VAL A 786 -9.77 -20.41 -18.30
C VAL A 786 -9.90 -18.97 -17.85
N PHE A 787 -9.47 -18.02 -18.69
CA PHE A 787 -9.61 -16.62 -18.30
C PHE A 787 -11.06 -16.22 -18.15
N TYR A 788 -11.91 -16.62 -19.08
CA TYR A 788 -13.31 -16.28 -18.99
C TYR A 788 -13.93 -16.87 -17.74
N VAL A 789 -13.62 -18.11 -17.42
CA VAL A 789 -14.25 -18.72 -16.25
C VAL A 789 -13.75 -18.08 -14.96
N LEU A 790 -12.47 -17.78 -14.85
CA LEU A 790 -12.03 -17.19 -13.59
C LEU A 790 -12.41 -15.71 -13.47
N VAL A 791 -12.41 -14.95 -14.56
CA VAL A 791 -12.94 -13.59 -14.50
C VAL A 791 -14.41 -13.59 -14.15
N ASN A 792 -15.19 -14.50 -14.75
CA ASN A 792 -16.60 -14.60 -14.40
C ASN A 792 -16.78 -15.02 -12.96
N SER A 793 -15.89 -15.85 -12.43
CA SER A 793 -15.96 -16.16 -11.01
C SER A 793 -15.69 -14.95 -10.16
N SER A 794 -14.74 -14.12 -10.57
CA SER A 794 -14.49 -12.87 -9.86
C SER A 794 -15.70 -11.98 -9.87
N GLN A 795 -16.33 -11.85 -11.02
CA GLN A 795 -17.51 -10.99 -11.14
C GLN A 795 -18.64 -11.48 -10.27
N THR A 796 -18.93 -12.79 -10.28
CA THR A 796 -19.97 -13.32 -9.43
C THR A 796 -19.64 -13.17 -7.95
N LEU A 797 -18.38 -13.41 -7.56
CA LEU A 797 -18.03 -13.23 -6.17
C LEU A 797 -18.20 -11.79 -5.74
N HIS A 798 -17.81 -10.84 -6.58
CA HIS A 798 -17.94 -9.44 -6.19
C HIS A 798 -19.40 -9.03 -6.10
N ASN A 799 -20.23 -9.41 -7.06
CA ASN A 799 -21.63 -9.05 -6.96
C ASN A 799 -22.24 -9.62 -5.71
N LYS A 800 -21.92 -10.88 -5.38
CA LYS A 800 -22.47 -11.44 -4.15
C LYS A 800 -21.96 -10.70 -2.92
N MET A 801 -20.67 -10.39 -2.88
CA MET A 801 -20.10 -9.72 -1.72
C MET A 801 -20.71 -8.34 -1.52
N PHE A 802 -20.83 -7.58 -2.60
CA PHE A 802 -21.38 -6.24 -2.47
C PHE A 802 -22.84 -6.29 -2.09
N GLU A 803 -23.65 -7.06 -2.79
CA GLU A 803 -25.05 -7.12 -2.40
C GLU A 803 -25.25 -7.83 -1.08
N SER A 804 -24.20 -8.34 -0.46
CA SER A 804 -24.28 -8.81 0.91
C SER A 804 -23.60 -7.90 1.92
N ILE A 805 -23.07 -6.76 1.48
CA ILE A 805 -22.52 -5.82 2.45
C ILE A 805 -23.46 -4.63 2.55
N LEU A 806 -24.26 -4.40 1.51
CA LEU A 806 -25.31 -3.39 1.61
C LEU A 806 -26.39 -3.81 2.60
N LYS A 807 -26.52 -5.10 2.87
CA LYS A 807 -27.54 -5.59 3.77
C LYS A 807 -26.98 -5.98 5.13
N ALA A 808 -25.73 -5.76 5.38
CA ALA A 808 -25.27 -6.07 6.71
C ALA A 808 -25.74 -5.01 7.69
N PRO A 809 -26.14 -5.39 8.89
CA PRO A 809 -26.60 -4.39 9.84
C PRO A 809 -25.45 -3.51 10.28
N VAL A 810 -25.79 -2.27 10.66
CA VAL A 810 -24.76 -1.29 10.98
C VAL A 810 -23.83 -1.79 12.05
N LEU A 811 -24.25 -2.79 12.83
CA LEU A 811 -23.37 -3.39 13.81
C LEU A 811 -22.10 -3.91 13.16
N PHE A 812 -22.24 -4.54 12.00
CA PHE A 812 -21.06 -5.02 11.28
C PHE A 812 -20.15 -3.87 10.92
N PHE A 813 -20.71 -2.78 10.41
CA PHE A 813 -19.87 -1.66 10.00
C PHE A 813 -19.20 -1.01 11.20
N ASP A 814 -19.78 -1.18 12.39
CA ASP A 814 -19.13 -0.70 13.59
C ASP A 814 -17.97 -1.60 13.99
N ARG A 815 -18.13 -2.92 13.87
CA ARG A 815 -17.04 -3.82 14.23
C ARG A 815 -15.84 -3.63 13.32
N ASN A 816 -16.05 -3.51 12.04
CA ASN A 816 -14.92 -3.45 11.13
C ASN A 816 -14.65 -2.02 10.70
N PRO A 817 -13.40 -1.58 10.74
CA PRO A 817 -13.09 -0.20 10.33
C PRO A 817 -13.35 -0.01 8.85
N ILE A 818 -13.35 1.26 8.44
CA ILE A 818 -13.54 1.56 7.02
C ILE A 818 -12.36 1.04 6.21
N GLY A 819 -11.19 1.01 6.83
CA GLY A 819 -10.00 0.58 6.10
C GLY A 819 -10.05 -0.85 5.64
N ARG A 820 -10.45 -1.77 6.53
CA ARG A 820 -10.43 -3.18 6.15
C ARG A 820 -11.56 -3.52 5.19
N ILE A 821 -12.77 -3.03 5.44
CA ILE A 821 -13.88 -3.32 4.55
C ILE A 821 -13.62 -2.87 3.12
N LEU A 822 -13.09 -1.68 2.92
CA LEU A 822 -12.83 -1.20 1.57
C LEU A 822 -11.48 -1.69 1.07
N ASN A 823 -10.79 -2.51 1.86
CA ASN A 823 -9.62 -3.17 1.35
C ASN A 823 -9.93 -4.44 0.59
N ARG A 824 -11.04 -5.11 0.89
CA ARG A 824 -11.49 -6.28 0.16
C ARG A 824 -12.39 -5.92 -0.99
N PHE A 825 -12.35 -4.68 -1.43
CA PHE A 825 -13.05 -4.24 -2.63
C PHE A 825 -12.08 -3.65 -3.62
N SER A 826 -10.87 -3.36 -3.20
CA SER A 826 -9.90 -2.69 -4.05
C SER A 826 -8.68 -3.57 -4.24
N LYS A 827 -8.17 -4.12 -3.15
CA LYS A 827 -7.00 -4.97 -3.25
C LYS A 827 -7.37 -6.40 -3.59
N ASP A 828 -8.27 -7.01 -2.81
CA ASP A 828 -8.60 -8.41 -3.05
C ASP A 828 -9.27 -8.61 -4.40
N ILE A 829 -10.45 -8.03 -4.60
CA ILE A 829 -11.05 -8.09 -5.92
C ILE A 829 -10.08 -7.57 -6.95
N GLY A 830 -9.15 -6.71 -6.54
CA GLY A 830 -8.08 -6.31 -7.42
C GLY A 830 -7.20 -7.45 -7.88
N HIS A 831 -6.93 -8.42 -7.02
CA HIS A 831 -6.26 -9.64 -7.44
C HIS A 831 -7.18 -10.49 -8.27
N LEU A 832 -8.28 -10.93 -7.69
CA LEU A 832 -9.25 -11.82 -8.32
C LEU A 832 -9.63 -11.38 -9.72
N ASP A 833 -9.42 -10.12 -10.06
CA ASP A 833 -9.79 -9.68 -11.39
C ASP A 833 -8.66 -9.83 -12.41
N ASP A 834 -7.40 -9.68 -12.00
CA ASP A 834 -6.34 -9.75 -13.00
C ASP A 834 -5.06 -10.45 -12.53
N LEU A 835 -5.08 -11.21 -11.43
CA LEU A 835 -3.88 -11.96 -11.12
C LEU A 835 -4.11 -13.41 -10.73
N LEU A 836 -5.27 -13.78 -10.23
CA LEU A 836 -5.51 -15.21 -10.29
C LEU A 836 -5.65 -15.66 -11.73
N PRO A 837 -6.61 -15.18 -12.51
CA PRO A 837 -6.79 -15.72 -13.85
C PRO A 837 -5.56 -15.66 -14.74
N LEU A 838 -4.45 -15.07 -14.30
CA LEU A 838 -3.21 -15.10 -15.05
C LEU A 838 -2.16 -16.00 -14.41
N THR A 839 -2.06 -15.99 -13.10
CA THR A 839 -1.19 -16.93 -12.44
C THR A 839 -1.77 -18.32 -12.40
N PHE A 840 -3.09 -18.44 -12.35
CA PHE A 840 -3.72 -19.75 -12.26
C PHE A 840 -3.79 -20.42 -13.60
N LEU A 841 -3.63 -19.68 -14.70
CA LEU A 841 -3.51 -20.27 -16.00
C LEU A 841 -2.07 -20.56 -16.36
N ASP A 842 -1.13 -19.72 -15.95
CA ASP A 842 0.27 -20.05 -16.14
C ASP A 842 0.66 -21.29 -15.36
N PHE A 843 0.15 -21.45 -14.15
CA PHE A 843 0.46 -22.64 -13.37
C PHE A 843 -0.06 -23.88 -14.06
N ILE A 844 -1.31 -23.86 -14.51
CA ILE A 844 -1.88 -25.00 -15.21
C ILE A 844 -1.11 -25.30 -16.48
N GLN A 845 -0.75 -24.27 -17.22
CA GLN A 845 0.00 -24.47 -18.45
C GLN A 845 1.31 -25.20 -18.20
N THR A 846 2.15 -24.70 -17.30
CA THR A 846 3.44 -25.36 -17.16
C THR A 846 3.32 -26.65 -16.38
N LEU A 847 2.32 -26.81 -15.52
CA LEU A 847 2.15 -28.10 -14.86
C LEU A 847 1.80 -29.18 -15.87
N LEU A 848 0.91 -28.87 -16.80
CA LEU A 848 0.62 -29.88 -17.80
C LEU A 848 1.81 -30.11 -18.71
N GLN A 849 2.68 -29.12 -18.89
CA GLN A 849 3.87 -29.42 -19.68
C GLN A 849 4.83 -30.34 -18.94
N VAL A 850 4.97 -30.15 -17.63
CA VAL A 850 5.81 -31.06 -16.85
C VAL A 850 5.26 -32.48 -16.91
N VAL A 851 3.95 -32.63 -16.75
CA VAL A 851 3.35 -33.95 -16.87
C VAL A 851 3.51 -34.49 -18.28
N GLY A 852 3.50 -33.64 -19.28
CA GLY A 852 3.78 -34.11 -20.62
C GLY A 852 5.17 -34.71 -20.72
N VAL A 853 6.15 -34.02 -20.16
CA VAL A 853 7.54 -34.50 -20.25
C VAL A 853 7.70 -35.82 -19.51
N VAL A 854 7.16 -35.89 -18.30
CA VAL A 854 7.32 -37.10 -17.51
C VAL A 854 6.58 -38.27 -18.12
N SER A 855 5.39 -38.04 -18.66
CA SER A 855 4.67 -39.14 -19.29
C SER A 855 5.31 -39.58 -20.60
N VAL A 856 5.97 -38.68 -21.34
CA VAL A 856 6.70 -39.17 -22.50
C VAL A 856 7.86 -40.05 -22.06
N ALA A 857 8.60 -39.62 -21.06
CA ALA A 857 9.72 -40.44 -20.61
C ALA A 857 9.28 -41.74 -19.95
N VAL A 858 8.03 -41.83 -19.49
CA VAL A 858 7.53 -43.09 -18.96
C VAL A 858 6.91 -43.96 -20.04
N ALA A 859 6.36 -43.36 -21.09
CA ALA A 859 5.86 -44.16 -22.19
C ALA A 859 6.98 -44.76 -23.01
N VAL A 860 8.16 -44.15 -23.01
CA VAL A 860 9.29 -44.76 -23.71
C VAL A 860 9.98 -45.80 -22.85
N ILE A 861 10.36 -45.44 -21.63
CA ILE A 861 11.13 -46.33 -20.76
C ILE A 861 10.29 -46.69 -19.54
N PRO A 862 9.29 -47.56 -19.65
CA PRO A 862 8.36 -47.75 -18.54
C PRO A 862 9.01 -47.98 -17.20
N TRP A 863 10.22 -48.54 -17.18
CA TRP A 863 10.90 -48.76 -15.92
C TRP A 863 11.16 -47.47 -15.17
N ILE A 864 11.13 -46.32 -15.87
CA ILE A 864 11.35 -45.05 -15.20
C ILE A 864 10.31 -44.84 -14.13
N ALA A 865 9.16 -45.50 -14.24
CA ALA A 865 8.14 -45.33 -13.22
C ALA A 865 8.61 -45.77 -11.85
N ILE A 866 9.66 -46.58 -11.77
CA ILE A 866 10.13 -47.05 -10.47
C ILE A 866 10.91 -45.95 -9.75
N PRO A 867 12.02 -45.42 -10.31
CA PRO A 867 12.74 -44.37 -9.59
C PRO A 867 11.95 -43.10 -9.44
N LEU A 868 10.96 -42.88 -10.27
CA LEU A 868 10.25 -41.63 -10.29
C LEU A 868 9.16 -41.55 -9.23
N VAL A 869 8.98 -42.61 -8.45
CA VAL A 869 8.18 -42.52 -7.23
C VAL A 869 9.06 -41.96 -6.10
N PRO A 870 10.32 -42.39 -5.94
CA PRO A 870 11.22 -41.66 -5.04
C PRO A 870 11.67 -40.31 -5.58
N LEU A 871 11.08 -39.81 -6.65
CA LEU A 871 11.17 -38.40 -6.97
C LEU A 871 9.82 -37.73 -6.95
N GLY A 872 8.81 -38.41 -6.44
CA GLY A 872 7.59 -37.75 -6.06
C GLY A 872 7.60 -37.51 -4.57
N ILE A 873 7.90 -38.55 -3.79
CA ILE A 873 7.86 -38.42 -2.34
C ILE A 873 8.90 -37.42 -1.88
N ILE A 874 10.11 -37.51 -2.43
CA ILE A 874 11.16 -36.56 -2.06
C ILE A 874 10.72 -35.15 -2.42
N PHE A 875 10.09 -34.98 -3.58
CA PHE A 875 9.69 -33.63 -3.96
C PHE A 875 8.66 -33.06 -3.00
N ILE A 876 7.63 -33.84 -2.67
CA ILE A 876 6.57 -33.32 -1.80
C ILE A 876 7.14 -32.96 -0.44
N PHE A 877 7.97 -33.84 0.11
CA PHE A 877 8.54 -33.55 1.42
C PHE A 877 9.48 -32.35 1.35
N LEU A 878 10.19 -32.19 0.24
CA LEU A 878 11.03 -31.02 0.05
C LEU A 878 10.21 -29.75 0.09
N ARG A 879 9.11 -29.72 -0.66
CA ARG A 879 8.32 -28.51 -0.72
C ARG A 879 7.67 -28.17 0.61
N ARG A 880 7.18 -29.16 1.35
CA ARG A 880 6.71 -28.87 2.71
C ARG A 880 7.82 -28.32 3.58
N TYR A 881 8.99 -28.95 3.54
CA TYR A 881 10.09 -28.50 4.38
C TYR A 881 10.50 -27.07 4.05
N PHE A 882 10.34 -26.68 2.79
CA PHE A 882 10.81 -25.37 2.37
C PHE A 882 9.77 -24.28 2.55
N LEU A 883 8.49 -24.58 2.38
CA LEU A 883 7.51 -23.53 2.52
C LEU A 883 7.21 -23.20 3.96
N GLU A 884 7.78 -23.92 4.91
CA GLU A 884 7.67 -23.57 6.32
C GLU A 884 8.75 -22.61 6.77
N THR A 885 9.64 -22.25 5.87
CA THR A 885 10.67 -21.26 6.15
C THR A 885 10.68 -20.14 5.14
N SER A 886 10.42 -20.42 3.88
CA SER A 886 10.21 -19.33 2.92
C SER A 886 8.91 -18.61 3.19
N ARG A 887 8.13 -19.06 4.17
CA ARG A 887 7.02 -18.24 4.63
C ARG A 887 7.30 -17.60 5.98
N ASP A 888 8.41 -17.94 6.62
CA ASP A 888 8.87 -17.24 7.81
C ASP A 888 10.01 -16.29 7.51
N VAL A 889 10.39 -16.10 6.25
CA VAL A 889 11.51 -15.23 5.97
C VAL A 889 11.13 -14.31 4.82
N LYS A 890 9.96 -14.53 4.24
CA LYS A 890 9.41 -13.55 3.32
C LYS A 890 8.42 -12.63 4.01
N ARG A 891 8.28 -12.74 5.34
CA ARG A 891 7.71 -11.70 6.15
C ARG A 891 8.74 -10.93 6.95
N LEU A 892 9.94 -11.49 7.13
CA LEU A 892 11.01 -10.75 7.79
C LEU A 892 11.62 -9.72 6.85
N GLU A 893 11.64 -10.00 5.56
CA GLU A 893 12.15 -8.92 4.72
C GLU A 893 11.07 -7.95 4.35
N SER A 894 9.91 -8.03 5.00
CA SER A 894 8.86 -7.02 4.90
C SER A 894 8.66 -6.26 6.20
N THR A 895 8.75 -6.93 7.35
CA THR A 895 8.57 -6.25 8.62
C THR A 895 9.86 -5.67 9.16
N THR A 896 10.95 -5.75 8.42
CA THR A 896 12.15 -4.99 8.73
C THR A 896 12.52 -4.05 7.60
N ARG A 897 11.65 -3.91 6.60
CA ARG A 897 11.87 -2.92 5.56
C ARG A 897 11.25 -1.58 5.92
N SER A 898 10.04 -1.58 6.45
CA SER A 898 9.39 -0.32 6.78
C SER A 898 10.21 0.58 7.70
N PRO A 899 10.94 0.08 8.71
CA PRO A 899 11.70 1.00 9.55
C PRO A 899 12.67 1.88 8.78
N VAL A 900 13.15 1.46 7.62
CA VAL A 900 14.01 2.34 6.83
C VAL A 900 13.24 3.58 6.39
N PHE A 901 12.07 3.37 5.79
CA PHE A 901 11.27 4.51 5.34
C PHE A 901 10.81 5.34 6.52
N SER A 902 10.45 4.68 7.62
CA SER A 902 10.02 5.41 8.80
C SER A 902 11.13 6.29 9.35
N HIS A 903 12.35 5.78 9.41
CA HIS A 903 13.42 6.61 9.90
C HIS A 903 13.72 7.74 8.94
N LEU A 904 13.68 7.49 7.64
CA LEU A 904 13.90 8.58 6.69
C LEU A 904 12.86 9.68 6.87
N SER A 905 11.59 9.28 7.05
CA SER A 905 10.53 10.27 7.25
C SER A 905 10.78 11.06 8.53
N SER A 906 11.01 10.35 9.64
CA SER A 906 11.19 11.04 10.91
C SER A 906 12.41 11.93 10.93
N SER A 907 13.41 11.65 10.10
CA SER A 907 14.57 12.52 10.06
C SER A 907 14.41 13.67 9.09
N LEU A 908 13.64 13.54 8.03
CA LEU A 908 13.39 14.72 7.21
C LEU A 908 12.41 15.69 7.87
N GLN A 909 11.43 15.19 8.61
CA GLN A 909 10.48 16.11 9.24
C GLN A 909 11.12 16.82 10.42
N GLY A 910 12.11 16.22 11.06
CA GLY A 910 12.79 16.86 12.17
C GLY A 910 14.12 17.44 11.77
N LEU A 911 14.24 17.77 10.50
CA LEU A 911 15.54 17.98 9.88
C LEU A 911 16.31 19.11 10.54
N TRP A 912 15.65 20.25 10.80
CA TRP A 912 16.34 21.37 11.42
C TRP A 912 16.84 21.02 12.81
N THR A 913 16.05 20.26 13.56
CA THR A 913 16.52 19.87 14.89
C THR A 913 17.79 19.06 14.79
N ILE A 914 17.82 18.11 13.85
CA ILE A 914 19.00 17.26 13.69
C ILE A 914 20.21 18.09 13.31
N ARG A 915 20.05 18.94 12.30
CA ARG A 915 21.21 19.69 11.83
C ARG A 915 21.60 20.81 12.76
N ALA A 916 20.72 21.21 13.68
CA ALA A 916 21.11 22.17 14.70
C ALA A 916 22.18 21.59 15.60
N TYR A 917 21.95 20.40 16.14
CA TYR A 917 23.01 19.68 16.81
C TYR A 917 24.05 19.27 15.79
N LYS A 918 25.32 19.39 16.15
CA LYS A 918 26.37 18.97 15.24
C LYS A 918 26.36 17.46 15.00
N ALA A 919 25.49 16.72 15.69
CA ALA A 919 25.40 15.27 15.53
C ALA A 919 24.36 14.93 14.46
N GLU A 920 24.73 15.18 13.21
CA GLU A 920 24.01 14.57 12.11
C GLU A 920 24.63 13.26 11.69
N GLU A 921 25.94 13.10 11.89
CA GLU A 921 26.58 11.84 11.55
C GLU A 921 26.03 10.67 12.35
N ARG A 922 25.56 10.90 13.57
CA ARG A 922 24.98 9.81 14.34
C ARG A 922 23.69 9.32 13.73
N CYS A 923 22.91 10.22 13.11
CA CYS A 923 21.72 9.74 12.42
C CYS A 923 22.08 8.92 11.20
N GLN A 924 23.28 9.13 10.63
CA GLN A 924 23.74 8.24 9.59
C GLN A 924 23.95 6.83 10.10
N GLU A 925 24.54 6.69 11.29
CA GLU A 925 24.72 5.36 11.85
C GLU A 925 23.40 4.72 12.21
N LEU A 926 22.44 5.51 12.67
CA LEU A 926 21.12 4.94 12.89
C LEU A 926 20.50 4.46 11.59
N PHE A 927 20.66 5.21 10.51
CA PHE A 927 20.13 4.72 9.24
C PHE A 927 20.78 3.42 8.84
N ASP A 928 22.10 3.31 8.99
CA ASP A 928 22.76 2.06 8.64
C ASP A 928 22.28 0.90 9.51
N ALA A 929 22.15 1.11 10.81
CA ALA A 929 21.64 0.03 11.64
C ALA A 929 20.19 -0.32 11.31
N HIS A 930 19.46 0.59 10.67
CA HIS A 930 18.15 0.22 10.11
C HIS A 930 18.25 -0.35 8.72
N GLN A 931 19.42 -0.28 8.09
CA GLN A 931 19.61 -0.83 6.76
C GLN A 931 20.43 -2.11 6.77
N ASP A 932 21.21 -2.35 7.83
CA ASP A 932 21.80 -3.66 8.10
C ASP A 932 20.85 -4.56 8.83
N LEU A 933 19.56 -4.25 8.81
CA LEU A 933 18.53 -5.12 9.34
C LEU A 933 17.50 -5.46 8.28
N HIS A 934 17.53 -4.80 7.13
CA HIS A 934 16.83 -5.28 5.96
C HIS A 934 17.76 -5.98 4.99
N SER A 935 19.01 -5.56 4.91
CA SER A 935 19.96 -6.32 4.12
C SER A 935 20.45 -7.54 4.87
N GLU A 936 19.76 -7.86 5.96
CA GLU A 936 20.00 -9.05 6.74
C GLU A 936 18.85 -10.04 6.59
N ALA A 937 17.71 -9.61 6.07
CA ALA A 937 16.62 -10.48 5.66
C ALA A 937 16.54 -10.62 4.15
N TRP A 938 17.04 -9.65 3.40
CA TRP A 938 17.22 -9.88 1.98
C TRP A 938 18.26 -10.95 1.74
N PHE A 939 19.26 -11.04 2.60
CA PHE A 939 20.22 -12.12 2.51
C PHE A 939 19.54 -13.47 2.66
N LEU A 940 18.70 -13.62 3.67
CA LEU A 940 18.03 -14.90 3.86
C LEU A 940 17.02 -15.17 2.76
N PHE A 941 16.34 -14.14 2.27
CA PHE A 941 15.41 -14.37 1.17
C PHE A 941 16.16 -14.68 -0.12
N LEU A 942 17.41 -14.29 -0.25
CA LEU A 942 18.17 -14.66 -1.43
C LEU A 942 18.83 -16.02 -1.34
N THR A 943 19.13 -16.51 -0.15
CA THR A 943 19.77 -17.81 -0.08
C THR A 943 18.83 -18.96 0.27
N THR A 944 17.71 -18.73 0.95
CA THR A 944 16.81 -19.83 1.17
C THR A 944 16.09 -20.22 -0.11
N SER A 945 15.77 -19.25 -0.95
CA SER A 945 15.25 -19.60 -2.26
C SER A 945 16.24 -20.40 -3.08
N ARG A 946 17.53 -20.16 -2.88
CA ARG A 946 18.50 -20.97 -3.61
C ARG A 946 18.65 -22.35 -2.99
N TRP A 947 18.62 -22.47 -1.67
CA TRP A 947 18.63 -23.81 -1.11
C TRP A 947 17.44 -24.59 -1.58
N PHE A 948 16.39 -23.92 -2.00
CA PHE A 948 15.31 -24.70 -2.61
C PHE A 948 15.59 -25.02 -4.06
N ALA A 949 16.06 -24.06 -4.85
CA ALA A 949 16.20 -24.34 -6.27
C ALA A 949 17.35 -25.29 -6.58
N VAL A 950 18.43 -25.28 -5.79
CA VAL A 950 19.49 -26.27 -5.99
C VAL A 950 18.93 -27.66 -5.90
N ARG A 951 18.14 -27.94 -4.88
CA ARG A 951 17.60 -29.27 -4.74
C ARG A 951 16.60 -29.58 -5.84
N LEU A 952 15.75 -28.62 -6.23
CA LEU A 952 14.82 -28.92 -7.31
C LEU A 952 15.57 -29.26 -8.59
N ASP A 953 16.70 -28.60 -8.84
CA ASP A 953 17.44 -28.96 -10.03
C ASP A 953 18.31 -30.18 -9.83
N ALA A 954 18.55 -30.60 -8.60
CA ALA A 954 19.10 -31.93 -8.40
C ALA A 954 18.08 -32.99 -8.79
N ILE A 955 16.82 -32.77 -8.47
CA ILE A 955 15.77 -33.71 -8.86
C ILE A 955 15.61 -33.74 -10.37
N CYS A 956 15.49 -32.56 -10.98
CA CYS A 956 15.41 -32.50 -12.43
C CYS A 956 16.64 -33.08 -13.12
N ALA A 957 17.83 -32.96 -12.51
CA ALA A 957 19.01 -33.52 -13.12
C ALA A 957 19.07 -35.03 -12.95
N MET A 958 18.58 -35.54 -11.81
CA MET A 958 18.46 -36.98 -11.66
C MET A 958 17.54 -37.55 -12.71
N PHE A 959 16.43 -36.86 -12.99
CA PHE A 959 15.55 -37.31 -14.06
C PHE A 959 16.27 -37.29 -15.40
N VAL A 960 17.00 -36.22 -15.70
CA VAL A 960 17.64 -36.17 -17.01
C VAL A 960 18.69 -37.26 -17.13
N ILE A 961 19.43 -37.52 -16.06
CA ILE A 961 20.44 -38.58 -16.07
C ILE A 961 19.79 -39.94 -16.30
N ILE A 962 18.69 -40.21 -15.60
CA ILE A 962 18.05 -41.50 -15.74
C ILE A 962 17.50 -41.68 -17.14
N VAL A 963 16.98 -40.62 -17.75
CA VAL A 963 16.50 -40.75 -19.12
C VAL A 963 17.65 -40.93 -20.09
N ALA A 964 18.78 -40.25 -19.84
CA ALA A 964 19.88 -40.27 -20.80
C ALA A 964 20.63 -41.60 -20.76
N PHE A 965 20.90 -42.12 -19.56
CA PHE A 965 21.61 -43.38 -19.43
C PHE A 965 20.68 -44.57 -19.54
N GLY A 966 19.61 -44.59 -18.75
CA GLY A 966 18.63 -45.65 -18.87
C GLY A 966 18.06 -45.83 -20.26
N SER A 967 18.31 -44.87 -21.15
CA SER A 967 18.01 -45.06 -22.55
C SER A 967 19.07 -45.87 -23.25
N LEU A 968 20.22 -46.08 -22.63
CA LEU A 968 21.27 -46.88 -23.24
C LEU A 968 21.35 -48.27 -22.66
N ILE A 969 21.28 -48.42 -21.34
CA ILE A 969 21.31 -49.74 -20.75
C ILE A 969 20.10 -50.55 -21.15
N LEU A 970 19.19 -49.97 -21.93
CA LEU A 970 18.09 -50.68 -22.58
C LEU A 970 18.10 -50.43 -24.08
N ALA A 971 19.29 -50.21 -24.66
CA ALA A 971 19.36 -49.78 -26.05
C ALA A 971 18.75 -50.79 -27.01
N LYS A 972 18.60 -52.05 -26.60
CA LYS A 972 18.16 -53.09 -27.51
C LYS A 972 16.74 -52.90 -27.99
N THR A 973 15.90 -52.20 -27.24
CA THR A 973 14.49 -52.09 -27.56
C THR A 973 14.09 -50.76 -28.14
N LEU A 974 14.66 -49.65 -27.67
CA LEU A 974 14.27 -48.33 -28.12
C LEU A 974 14.73 -48.10 -29.56
N ASP A 975 14.43 -46.92 -30.09
CA ASP A 975 14.90 -46.56 -31.42
C ASP A 975 15.17 -45.06 -31.47
N ALA A 976 15.62 -44.60 -32.63
CA ALA A 976 16.07 -43.23 -32.75
C ALA A 976 14.97 -42.25 -32.39
N GLY A 977 13.77 -42.47 -32.91
CA GLY A 977 12.68 -41.55 -32.62
C GLY A 977 12.29 -41.56 -31.16
N GLN A 978 12.14 -42.75 -30.58
CA GLN A 978 11.72 -42.81 -29.19
C GLN A 978 12.74 -42.17 -28.29
N VAL A 979 14.02 -42.41 -28.56
CA VAL A 979 15.07 -41.85 -27.72
C VAL A 979 15.16 -40.36 -27.90
N GLY A 980 15.06 -39.87 -29.14
CA GLY A 980 15.06 -38.45 -29.35
C GLY A 980 13.94 -37.76 -28.59
N LEU A 981 12.73 -38.30 -28.69
CA LEU A 981 11.61 -37.68 -28.01
C LEU A 981 11.83 -37.68 -26.50
N ALA A 982 12.10 -38.85 -25.93
CA ALA A 982 12.23 -38.92 -24.48
C ALA A 982 13.33 -37.99 -24.00
N LEU A 983 14.47 -38.00 -24.69
CA LEU A 983 15.63 -37.27 -24.20
C LEU A 983 15.46 -35.77 -24.35
N SER A 984 14.98 -35.28 -25.50
CA SER A 984 14.86 -33.83 -25.62
C SER A 984 13.77 -33.29 -24.71
N TYR A 985 12.72 -34.06 -24.46
CA TYR A 985 11.77 -33.58 -23.47
C TYR A 985 12.40 -33.53 -22.08
N ALA A 986 13.17 -34.53 -21.71
CA ALA A 986 13.83 -34.45 -20.42
C ALA A 986 14.75 -33.25 -20.36
N LEU A 987 15.37 -32.90 -21.48
CA LEU A 987 16.24 -31.74 -21.49
C LEU A 987 15.45 -30.47 -21.23
N THR A 988 14.25 -30.35 -21.79
CA THR A 988 13.48 -29.14 -21.51
C THR A 988 12.86 -29.14 -20.13
N LEU A 989 12.91 -30.25 -19.39
CA LEU A 989 12.38 -30.21 -18.02
C LEU A 989 13.07 -29.16 -17.17
N MET A 990 14.33 -28.87 -17.45
CA MET A 990 15.07 -27.85 -16.71
C MET A 990 14.33 -26.53 -16.78
N GLY A 991 14.22 -25.85 -15.65
CA GLY A 991 13.61 -24.53 -15.68
C GLY A 991 12.11 -24.55 -15.74
N MET A 992 11.54 -25.39 -16.60
CA MET A 992 10.10 -25.55 -16.62
C MET A 992 9.59 -26.10 -15.31
N PHE A 993 10.30 -27.06 -14.74
CA PHE A 993 9.92 -27.57 -13.43
C PHE A 993 9.94 -26.48 -12.38
N GLN A 994 10.94 -25.60 -12.42
CA GLN A 994 11.04 -24.56 -11.40
C GLN A 994 9.98 -23.50 -11.57
N TRP A 995 9.66 -23.12 -12.79
CA TRP A 995 8.56 -22.17 -12.98
C TRP A 995 7.25 -22.77 -12.50
N CYS A 996 7.01 -24.05 -12.78
CA CYS A 996 5.81 -24.69 -12.25
C CYS A 996 5.75 -24.58 -10.74
N VAL A 997 6.85 -24.88 -10.05
CA VAL A 997 6.78 -24.82 -8.60
C VAL A 997 6.59 -23.40 -8.11
N ARG A 998 7.24 -22.43 -8.75
CA ARG A 998 7.09 -21.05 -8.31
C ARG A 998 5.66 -20.57 -8.46
N GLN A 999 5.00 -20.92 -9.55
CA GLN A 999 3.60 -20.53 -9.66
C GLN A 999 2.74 -21.28 -8.68
N SER A 1000 3.08 -22.51 -8.31
CA SER A 1000 2.29 -23.16 -7.27
C SER A 1000 2.35 -22.36 -5.99
N ALA A 1001 3.54 -21.88 -5.64
CA ALA A 1001 3.67 -21.05 -4.45
C ALA A 1001 2.87 -19.76 -4.59
N GLU A 1002 2.95 -19.11 -5.74
CA GLU A 1002 2.26 -17.83 -5.90
C GLU A 1002 0.75 -17.99 -5.88
N VAL A 1003 0.21 -19.06 -6.46
CA VAL A 1003 -1.23 -19.28 -6.44
C VAL A 1003 -1.72 -19.59 -5.03
N GLU A 1004 -1.02 -20.49 -4.32
CA GLU A 1004 -1.42 -20.68 -2.92
C GLU A 1004 -1.26 -19.40 -2.12
N ASN A 1005 -0.48 -18.45 -2.63
CA ASN A 1005 -0.29 -17.17 -1.94
C ASN A 1005 -1.43 -16.21 -2.24
N MET A 1006 -1.95 -16.20 -3.46
CA MET A 1006 -3.07 -15.32 -3.80
C MET A 1006 -4.43 -15.97 -3.68
N MET A 1007 -4.53 -17.18 -3.16
CA MET A 1007 -5.88 -17.60 -2.82
C MET A 1007 -6.33 -17.07 -1.47
N ILE A 1008 -5.47 -16.35 -0.75
CA ILE A 1008 -5.98 -15.68 0.44
C ILE A 1008 -6.94 -14.59 0.03
N SER A 1009 -6.73 -13.96 -1.12
CA SER A 1009 -7.70 -13.01 -1.64
C SER A 1009 -9.07 -13.67 -1.77
N VAL A 1010 -9.12 -14.84 -2.37
CA VAL A 1010 -10.39 -15.52 -2.55
C VAL A 1010 -10.97 -15.90 -1.19
N GLU A 1011 -10.12 -16.30 -0.26
CA GLU A 1011 -10.66 -16.67 1.05
C GLU A 1011 -11.32 -15.48 1.74
N ARG A 1012 -10.75 -14.28 1.57
CA ARG A 1012 -11.36 -13.11 2.20
C ARG A 1012 -12.65 -12.68 1.49
N VAL A 1013 -12.62 -12.67 0.15
CA VAL A 1013 -13.82 -12.33 -0.60
C VAL A 1013 -14.95 -13.28 -0.23
N ILE A 1014 -14.65 -14.57 -0.11
CA ILE A 1014 -15.68 -15.53 0.27
C ILE A 1014 -16.00 -15.46 1.75
N GLU A 1015 -15.15 -14.86 2.57
CA GLU A 1015 -15.55 -14.63 3.94
C GLU A 1015 -16.61 -13.54 4.01
N TYR A 1016 -16.47 -12.49 3.19
CA TYR A 1016 -17.52 -11.47 3.14
C TYR A 1016 -18.77 -11.91 2.42
N THR A 1017 -18.69 -12.83 1.48
CA THR A 1017 -19.94 -13.15 0.82
C THR A 1017 -20.89 -13.94 1.72
N ASP A 1018 -20.59 -14.06 3.00
CA ASP A 1018 -21.35 -14.87 3.96
C ASP A 1018 -21.58 -14.10 5.25
N LEU A 1019 -22.03 -12.85 5.16
CA LEU A 1019 -22.16 -12.01 6.34
C LEU A 1019 -23.57 -12.09 6.93
N GLU A 1020 -23.76 -11.40 8.04
CA GLU A 1020 -25.08 -11.23 8.63
C GLU A 1020 -26.00 -10.52 7.63
N LYS A 1021 -27.30 -10.59 7.90
CA LYS A 1021 -28.27 -9.85 7.11
C LYS A 1021 -29.36 -9.34 8.02
N GLU A 1022 -29.63 -8.04 7.92
CA GLU A 1022 -30.77 -7.45 8.60
C GLU A 1022 -32.07 -7.93 7.95
N ALA A 1023 -33.17 -7.65 8.62
CA ALA A 1023 -34.48 -8.08 8.13
C ALA A 1023 -34.66 -7.66 6.68
N PRO A 1024 -35.44 -8.40 5.89
CA PRO A 1024 -35.53 -8.11 4.46
C PRO A 1024 -36.29 -6.82 4.20
N TRP A 1025 -35.94 -6.17 3.09
CA TRP A 1025 -36.46 -4.84 2.82
C TRP A 1025 -37.97 -4.82 2.63
N GLU A 1026 -38.58 -5.95 2.28
CA GLU A 1026 -40.01 -6.02 2.05
C GLU A 1026 -40.60 -7.17 2.85
N TYR A 1027 -41.86 -7.02 3.24
CA TYR A 1027 -42.61 -8.08 3.89
C TYR A 1027 -43.87 -8.37 3.08
N GLN A 1028 -44.54 -9.46 3.44
CA GLN A 1028 -45.84 -9.74 2.84
C GLN A 1028 -46.84 -8.65 3.17
N LYS A 1029 -46.83 -8.17 4.42
CA LYS A 1029 -47.77 -7.13 4.86
C LYS A 1029 -47.23 -5.78 4.42
N ARG A 1030 -47.64 -5.36 3.24
CA ARG A 1030 -47.36 -4.00 2.83
C ARG A 1030 -48.29 -3.04 3.56
N PRO A 1031 -47.86 -1.79 3.76
CA PRO A 1031 -48.68 -0.86 4.53
C PRO A 1031 -49.73 -0.20 3.67
N PRO A 1032 -50.80 0.32 4.26
CA PRO A 1032 -51.74 1.13 3.51
C PRO A 1032 -51.05 2.38 3.00
N PRO A 1033 -51.37 2.82 1.78
CA PRO A 1033 -50.64 3.95 1.20
C PRO A 1033 -50.73 5.22 2.01
N ALA A 1034 -51.88 5.49 2.62
CA ALA A 1034 -52.01 6.71 3.43
C ALA A 1034 -51.18 6.65 4.70
N TRP A 1035 -50.79 5.46 5.13
CA TRP A 1035 -50.02 5.34 6.36
C TRP A 1035 -48.63 5.93 6.16
N PRO A 1036 -48.10 6.67 7.15
CA PRO A 1036 -48.82 6.99 8.39
C PRO A 1036 -49.90 8.04 8.18
N HIS A 1037 -51.12 7.74 8.66
CA HIS A 1037 -52.23 8.66 8.47
C HIS A 1037 -51.97 9.98 9.18
N GLU A 1038 -51.56 9.91 10.45
CA GLU A 1038 -51.35 11.10 11.26
C GLU A 1038 -49.93 11.24 11.75
N GLY A 1039 -49.40 10.22 12.42
CA GLY A 1039 -48.08 10.34 13.01
C GLY A 1039 -48.03 9.83 14.43
N VAL A 1040 -49.10 9.15 14.86
CA VAL A 1040 -49.15 8.59 16.21
C VAL A 1040 -48.01 7.59 16.38
N ILE A 1041 -47.13 7.83 17.34
CA ILE A 1041 -45.98 6.96 17.57
C ILE A 1041 -45.97 6.55 19.03
N ILE A 1042 -46.03 5.24 19.28
CA ILE A 1042 -46.15 4.71 20.64
C ILE A 1042 -44.97 3.79 20.92
N PHE A 1043 -44.17 4.15 21.92
CA PHE A 1043 -43.14 3.28 22.47
C PHE A 1043 -43.76 2.46 23.59
N ASP A 1044 -43.69 1.14 23.47
CA ASP A 1044 -44.24 0.23 24.47
C ASP A 1044 -43.11 -0.66 25.00
N ASN A 1045 -42.59 -0.30 26.18
CA ASN A 1045 -41.63 -1.13 26.90
C ASN A 1045 -40.43 -1.47 26.02
N VAL A 1046 -39.98 -0.48 25.25
CA VAL A 1046 -38.88 -0.71 24.31
C VAL A 1046 -37.59 -0.89 25.10
N ASN A 1047 -36.99 -2.07 24.97
CA ASN A 1047 -35.71 -2.38 25.59
C ASN A 1047 -34.72 -2.63 24.46
N PHE A 1048 -33.77 -1.72 24.29
CA PHE A 1048 -32.91 -1.73 23.11
C PHE A 1048 -31.45 -1.85 23.50
N MET A 1049 -30.71 -2.63 22.72
CA MET A 1049 -29.30 -2.87 22.95
C MET A 1049 -28.54 -2.66 21.65
N TYR A 1050 -27.38 -2.00 21.74
CA TYR A 1050 -26.54 -1.84 20.56
C TYR A 1050 -26.08 -3.18 20.02
N SER A 1051 -25.52 -4.01 20.89
CA SER A 1051 -25.00 -5.32 20.56
C SER A 1051 -25.51 -6.34 21.55
N PRO A 1052 -25.66 -7.59 21.13
CA PRO A 1052 -26.07 -8.64 22.08
C PRO A 1052 -25.10 -8.75 23.24
N GLY A 1053 -25.65 -8.92 24.44
CA GLY A 1053 -24.85 -9.04 25.64
C GLY A 1053 -24.19 -7.77 26.12
N GLY A 1054 -24.40 -6.65 25.43
CA GLY A 1054 -23.82 -5.39 25.83
C GLY A 1054 -24.65 -4.72 26.90
N PRO A 1055 -24.38 -3.46 27.16
CA PRO A 1055 -25.18 -2.72 28.14
C PRO A 1055 -26.59 -2.45 27.61
N LEU A 1056 -27.59 -2.64 28.45
CA LEU A 1056 -28.92 -2.19 28.12
C LEU A 1056 -28.91 -0.68 27.95
N VAL A 1057 -29.48 -0.19 26.85
CA VAL A 1057 -29.36 1.21 26.47
C VAL A 1057 -30.66 1.97 26.75
N LEU A 1058 -31.75 1.58 26.10
CA LEU A 1058 -33.07 2.09 26.42
C LEU A 1058 -33.83 0.98 27.14
N LYS A 1059 -34.43 1.30 28.28
CA LYS A 1059 -34.94 0.28 29.18
C LYS A 1059 -36.37 0.64 29.56
N HIS A 1060 -37.31 -0.21 29.19
CA HIS A 1060 -38.74 0.02 29.42
C HIS A 1060 -39.19 1.37 28.86
N LEU A 1061 -38.81 1.65 27.62
CA LEU A 1061 -39.16 2.91 27.00
C LEU A 1061 -40.64 2.92 26.66
N THR A 1062 -41.45 3.58 27.47
CA THR A 1062 -42.89 3.65 27.28
C THR A 1062 -43.29 5.11 27.15
N ALA A 1063 -43.67 5.52 25.94
CA ALA A 1063 -44.02 6.91 25.70
C ALA A 1063 -45.06 6.98 24.59
N LEU A 1064 -45.75 8.11 24.53
CA LEU A 1064 -46.75 8.35 23.51
C LEU A 1064 -46.46 9.67 22.81
N ILE A 1065 -46.62 9.66 21.49
CA ILE A 1065 -46.35 10.81 20.64
C ILE A 1065 -47.61 11.03 19.81
N LYS A 1066 -48.36 12.07 20.16
CA LYS A 1066 -49.58 12.42 19.44
C LYS A 1066 -49.25 13.35 18.29
N SER A 1067 -50.08 13.30 17.26
CA SER A 1067 -49.79 13.91 15.97
C SER A 1067 -49.27 15.34 16.11
N GLN A 1068 -48.26 15.66 15.31
CA GLN A 1068 -47.73 16.98 15.05
C GLN A 1068 -46.99 17.62 16.22
N GLU A 1069 -46.92 16.98 17.38
CA GLU A 1069 -46.27 17.64 18.50
C GLU A 1069 -44.76 17.74 18.25
N LYS A 1070 -44.13 18.63 19.00
CA LYS A 1070 -42.70 18.81 18.94
C LYS A 1070 -42.12 18.38 20.27
N VAL A 1071 -41.31 17.33 20.25
CA VAL A 1071 -40.83 16.70 21.47
C VAL A 1071 -39.31 16.76 21.48
N GLY A 1072 -38.78 17.61 22.31
CA GLY A 1072 -37.35 17.61 22.54
C GLY A 1072 -36.95 16.42 23.39
N ILE A 1073 -35.66 16.14 23.37
CA ILE A 1073 -35.07 15.07 24.18
C ILE A 1073 -33.96 15.70 25.00
N VAL A 1074 -33.88 15.34 26.28
CA VAL A 1074 -32.78 15.80 27.12
C VAL A 1074 -32.17 14.59 27.81
N GLY A 1075 -30.89 14.69 28.09
CA GLY A 1075 -30.15 13.63 28.71
C GLY A 1075 -28.66 13.92 28.66
N ARG A 1076 -27.88 12.91 28.98
CA ARG A 1076 -26.43 13.01 28.91
C ARG A 1076 -25.92 12.45 27.60
N THR A 1077 -24.71 12.87 27.22
CA THR A 1077 -24.11 12.45 25.97
C THR A 1077 -23.91 10.94 25.96
N GLY A 1078 -24.65 10.24 25.11
CA GLY A 1078 -24.59 8.80 25.04
C GLY A 1078 -25.51 8.08 26.01
N ALA A 1079 -26.18 8.80 26.90
CA ALA A 1079 -27.07 8.21 27.90
C ALA A 1079 -28.38 7.74 27.32
N GLY A 1080 -28.48 7.64 25.99
CA GLY A 1080 -29.69 7.23 25.31
C GLY A 1080 -30.32 8.32 24.46
N LYS A 1081 -29.70 9.49 24.35
CA LYS A 1081 -30.26 10.54 23.50
C LYS A 1081 -30.25 10.11 22.03
N SER A 1082 -29.11 9.62 21.56
CA SER A 1082 -28.97 9.26 20.15
C SER A 1082 -29.31 7.80 19.86
N SER A 1083 -29.79 7.06 20.85
CA SER A 1083 -30.19 5.68 20.62
C SER A 1083 -31.65 5.55 20.23
N LEU A 1084 -32.46 6.56 20.50
CA LEU A 1084 -33.86 6.46 20.12
C LEU A 1084 -34.00 6.44 18.61
N ILE A 1085 -33.18 7.20 17.89
CA ILE A 1085 -33.18 7.12 16.44
C ILE A 1085 -32.65 5.77 15.98
N SER A 1086 -31.67 5.21 16.69
CA SER A 1086 -31.14 3.91 16.29
C SER A 1086 -32.18 2.82 16.41
N ALA A 1087 -33.00 2.85 17.46
CA ALA A 1087 -34.04 1.84 17.62
C ALA A 1087 -35.28 2.14 16.79
N LEU A 1088 -35.62 3.40 16.58
CA LEU A 1088 -36.84 3.73 15.86
C LEU A 1088 -36.71 3.41 14.38
N PHE A 1089 -35.50 3.40 13.85
CA PHE A 1089 -35.27 2.93 12.50
C PHE A 1089 -34.87 1.47 12.45
N ARG A 1090 -34.89 0.80 13.60
CA ARG A 1090 -34.54 -0.62 13.71
C ARG A 1090 -33.14 -0.89 13.18
N LEU A 1091 -32.21 0.03 13.44
CA LEU A 1091 -30.82 -0.23 13.10
C LEU A 1091 -30.30 -1.46 13.83
N SER A 1092 -30.89 -1.80 14.98
CA SER A 1092 -30.69 -3.09 15.62
C SER A 1092 -32.04 -3.51 16.18
N GLU A 1093 -32.56 -4.63 15.70
CA GLU A 1093 -33.93 -5.02 15.94
C GLU A 1093 -34.27 -4.92 17.42
N PRO A 1094 -35.08 -3.95 17.80
CA PRO A 1094 -35.28 -3.67 19.22
C PRO A 1094 -36.19 -4.68 19.89
N GLU A 1095 -36.04 -4.77 21.21
CA GLU A 1095 -36.96 -5.52 22.05
C GLU A 1095 -37.96 -4.54 22.65
N GLY A 1096 -39.23 -4.87 22.57
CA GLY A 1096 -40.31 -3.98 22.92
C GLY A 1096 -41.24 -3.85 21.74
N LYS A 1097 -42.05 -2.79 21.74
CA LYS A 1097 -42.94 -2.55 20.62
C LYS A 1097 -42.90 -1.07 20.25
N ILE A 1098 -43.07 -0.79 18.97
CA ILE A 1098 -43.25 0.57 18.48
C ILE A 1098 -44.39 0.57 17.49
N TRP A 1099 -45.38 1.43 17.73
CA TRP A 1099 -46.57 1.52 16.90
C TRP A 1099 -46.56 2.85 16.17
N ILE A 1100 -46.47 2.80 14.84
CA ILE A 1100 -46.60 3.98 14.00
C ILE A 1100 -47.98 3.90 13.36
N ASP A 1101 -48.91 4.71 13.85
CA ASP A 1101 -50.32 4.66 13.44
C ASP A 1101 -50.87 3.24 13.57
N LYS A 1102 -50.71 2.69 14.77
CA LYS A 1102 -51.28 1.38 15.13
C LYS A 1102 -50.77 0.27 14.22
N ILE A 1103 -49.48 0.33 13.88
CA ILE A 1103 -48.81 -0.73 13.14
C ILE A 1103 -47.48 -1.02 13.83
N LEU A 1104 -47.21 -2.29 14.08
CA LEU A 1104 -45.95 -2.65 14.72
C LEU A 1104 -44.80 -2.44 13.73
N THR A 1105 -43.74 -1.78 14.20
CA THR A 1105 -42.58 -1.57 13.34
C THR A 1105 -41.92 -2.89 12.96
N THR A 1106 -41.77 -3.79 13.92
CA THR A 1106 -41.11 -5.06 13.66
C THR A 1106 -41.87 -5.91 12.64
N GLU A 1107 -43.16 -5.67 12.47
CA GLU A 1107 -43.99 -6.48 11.59
C GLU A 1107 -43.94 -6.00 10.14
N ILE A 1108 -43.23 -4.90 9.87
CA ILE A 1108 -43.05 -4.40 8.52
C ILE A 1108 -41.56 -4.37 8.18
N GLY A 1109 -41.25 -4.71 6.93
CA GLY A 1109 -39.88 -4.63 6.44
C GLY A 1109 -39.34 -3.22 6.50
N LEU A 1110 -38.03 -3.13 6.29
CA LEU A 1110 -37.32 -1.88 6.54
C LEU A 1110 -37.70 -0.78 5.55
N HIS A 1111 -37.44 -0.97 4.25
CA HIS A 1111 -37.77 0.12 3.33
C HIS A 1111 -39.26 0.40 3.22
N ASP A 1112 -40.10 -0.21 4.04
CA ASP A 1112 -41.43 0.32 4.24
C ASP A 1112 -41.59 0.95 5.60
N LEU A 1113 -40.48 1.11 6.32
CA LEU A 1113 -40.45 1.80 7.60
C LEU A 1113 -39.52 3.00 7.59
N ARG A 1114 -38.48 2.97 6.77
CA ARG A 1114 -37.55 4.08 6.70
C ARG A 1114 -37.88 5.05 5.59
N LYS A 1115 -38.55 4.59 4.55
CA LYS A 1115 -38.99 5.51 3.50
C LYS A 1115 -40.00 6.53 4.00
N LYS A 1116 -40.66 6.26 5.13
CA LYS A 1116 -41.74 7.10 5.62
C LYS A 1116 -41.37 7.90 6.85
N MET A 1117 -40.07 8.13 7.08
CA MET A 1117 -39.62 8.93 8.21
C MET A 1117 -38.42 9.76 7.75
N SER A 1118 -38.50 11.07 7.93
CA SER A 1118 -37.40 11.93 7.55
C SER A 1118 -36.50 12.18 8.75
N ILE A 1119 -35.29 12.65 8.47
CA ILE A 1119 -34.29 12.83 9.51
C ILE A 1119 -33.30 13.88 9.06
N ILE A 1120 -32.75 14.60 10.02
CA ILE A 1120 -31.68 15.56 9.79
C ILE A 1120 -30.46 15.11 10.58
N PRO A 1121 -29.50 14.50 9.92
CA PRO A 1121 -28.40 13.84 10.64
C PRO A 1121 -27.48 14.85 11.30
N GLN A 1122 -26.65 14.33 12.21
CA GLN A 1122 -25.69 15.17 12.92
C GLN A 1122 -24.82 15.94 11.95
N GLU A 1123 -23.98 15.24 11.20
CA GLU A 1123 -23.19 15.88 10.17
C GLU A 1123 -23.76 15.53 8.81
N PRO A 1124 -24.48 16.44 8.17
CA PRO A 1124 -24.98 16.17 6.82
C PRO A 1124 -23.86 15.80 5.88
N VAL A 1125 -24.19 14.99 4.90
CA VAL A 1125 -23.26 14.63 3.83
C VAL A 1125 -23.96 14.77 2.50
N LEU A 1126 -23.23 15.28 1.51
CA LEU A 1126 -23.63 15.26 0.13
C LEU A 1126 -22.84 14.18 -0.59
N PHE A 1127 -23.54 13.33 -1.32
CA PHE A 1127 -22.92 12.22 -2.01
C PHE A 1127 -22.48 12.68 -3.39
N THR A 1128 -21.23 12.37 -3.75
CA THR A 1128 -20.65 12.81 -5.00
C THR A 1128 -21.60 12.55 -6.15
N GLY A 1129 -22.03 13.63 -6.79
CA GLY A 1129 -23.03 13.53 -7.84
C GLY A 1129 -23.65 14.88 -8.08
N THR A 1130 -24.54 14.88 -9.07
CA THR A 1130 -25.25 16.11 -9.40
C THR A 1130 -26.20 16.48 -8.27
N MET A 1131 -26.36 17.78 -8.06
CA MET A 1131 -27.26 18.25 -7.01
C MET A 1131 -28.69 17.79 -7.26
N ARG A 1132 -29.01 17.40 -8.50
CA ARG A 1132 -30.28 16.74 -8.75
C ARG A 1132 -30.38 15.43 -7.96
N LYS A 1133 -29.26 14.79 -7.68
CA LYS A 1133 -29.29 13.49 -7.01
C LYS A 1133 -29.36 13.64 -5.50
N ASN A 1134 -28.53 14.50 -4.90
CA ASN A 1134 -28.50 14.63 -3.45
C ASN A 1134 -29.82 15.11 -2.90
N LEU A 1135 -30.78 15.37 -3.76
CA LEU A 1135 -32.16 15.66 -3.36
C LEU A 1135 -33.15 14.63 -3.87
N ASP A 1136 -33.01 14.18 -5.10
CA ASP A 1136 -33.94 13.23 -5.70
C ASP A 1136 -33.15 12.13 -6.38
N PRO A 1137 -32.46 11.28 -5.62
CA PRO A 1137 -31.69 10.20 -6.24
C PRO A 1137 -32.56 9.19 -6.96
N PHE A 1138 -33.84 9.13 -6.64
CA PHE A 1138 -34.75 8.21 -7.30
C PHE A 1138 -35.51 8.84 -8.45
N ASN A 1139 -35.20 10.10 -8.79
CA ASN A 1139 -35.88 10.82 -9.87
C ASN A 1139 -37.39 10.85 -9.65
N GLU A 1140 -37.80 10.99 -8.39
CA GLU A 1140 -39.21 11.02 -8.03
C GLU A 1140 -39.76 12.43 -7.93
N HIS A 1141 -38.95 13.46 -8.21
CA HIS A 1141 -39.38 14.84 -8.09
C HIS A 1141 -38.95 15.62 -9.32
N THR A 1142 -39.63 16.73 -9.55
CA THR A 1142 -39.50 17.52 -10.78
C THR A 1142 -38.93 18.90 -10.47
N ASP A 1143 -38.31 19.48 -11.50
CA ASP A 1143 -37.45 20.65 -11.30
C ASP A 1143 -38.18 21.78 -10.57
N GLU A 1144 -39.47 21.95 -10.83
CA GLU A 1144 -40.23 22.96 -10.11
C GLU A 1144 -40.26 22.66 -8.61
N GLU A 1145 -40.48 21.38 -8.26
CA GLU A 1145 -40.49 21.00 -6.85
C GLU A 1145 -39.13 21.23 -6.20
N LEU A 1146 -38.07 20.80 -6.88
CA LEU A 1146 -36.73 20.96 -6.30
C LEU A 1146 -36.39 22.42 -6.12
N TRP A 1147 -36.68 23.25 -7.12
CA TRP A 1147 -36.39 24.68 -7.00
C TRP A 1147 -37.20 25.31 -5.88
N ASN A 1148 -38.48 24.93 -5.77
CA ASN A 1148 -39.30 25.46 -4.68
C ASN A 1148 -38.73 25.09 -3.33
N ALA A 1149 -38.32 23.83 -3.17
CA ALA A 1149 -37.78 23.39 -1.89
C ALA A 1149 -36.49 24.13 -1.57
N LEU A 1150 -35.58 24.24 -2.55
CA LEU A 1150 -34.36 24.99 -2.32
C LEU A 1150 -34.66 26.45 -2.01
N GLN A 1151 -35.76 26.97 -2.56
CA GLN A 1151 -36.20 28.32 -2.24
C GLN A 1151 -36.63 28.43 -0.79
N GLU A 1152 -37.32 27.40 -0.27
CA GLU A 1152 -37.82 27.47 1.09
C GLU A 1152 -36.68 27.62 2.10
N VAL A 1153 -35.48 27.15 1.75
CA VAL A 1153 -34.28 27.43 2.53
C VAL A 1153 -33.47 28.58 1.94
N GLN A 1154 -34.02 29.27 0.93
CA GLN A 1154 -33.46 30.50 0.39
C GLN A 1154 -32.11 30.28 -0.28
N LEU A 1155 -31.65 29.03 -0.35
CA LEU A 1155 -30.41 28.70 -1.02
C LEU A 1155 -30.62 28.46 -2.51
N LYS A 1156 -31.87 28.60 -2.99
CA LYS A 1156 -32.15 28.50 -4.42
C LYS A 1156 -31.30 29.45 -5.23
N GLU A 1157 -31.25 30.72 -4.82
CA GLU A 1157 -30.38 31.67 -5.50
C GLU A 1157 -28.92 31.25 -5.40
N THR A 1158 -28.51 30.74 -4.24
CA THR A 1158 -27.11 30.42 -4.01
C THR A 1158 -26.62 29.33 -4.94
N ILE A 1159 -27.53 28.59 -5.57
CA ILE A 1159 -27.16 27.55 -6.51
C ILE A 1159 -27.15 28.07 -7.95
N GLU A 1160 -28.12 28.89 -8.32
CA GLU A 1160 -28.23 29.28 -9.72
C GLU A 1160 -27.20 30.34 -10.07
N ASP A 1161 -25.96 30.11 -9.68
CA ASP A 1161 -24.80 30.85 -10.15
C ASP A 1161 -23.62 29.90 -10.35
N LEU A 1162 -23.85 28.61 -10.23
CA LEU A 1162 -22.90 27.53 -10.46
C LEU A 1162 -22.90 27.16 -11.94
N PRO A 1163 -21.84 26.49 -12.42
CA PRO A 1163 -21.75 26.14 -13.85
C PRO A 1163 -23.02 25.51 -14.40
N GLY A 1164 -23.44 24.40 -13.81
CA GLY A 1164 -24.72 23.82 -14.16
C GLY A 1164 -25.83 24.33 -13.27
N LYS A 1165 -27.07 24.12 -13.72
CA LYS A 1165 -28.22 24.51 -12.92
C LYS A 1165 -28.26 23.68 -11.64
N MET A 1166 -28.53 22.38 -11.79
CA MET A 1166 -28.37 21.39 -10.74
C MET A 1166 -27.19 20.47 -10.97
N ASP A 1167 -26.76 20.28 -12.20
CA ASP A 1167 -25.89 19.16 -12.53
C ASP A 1167 -24.42 19.47 -12.30
N THR A 1168 -24.12 20.35 -11.37
CA THR A 1168 -22.73 20.60 -10.99
C THR A 1168 -22.20 19.40 -10.22
N GLU A 1169 -21.23 18.70 -10.80
CA GLU A 1169 -20.56 17.64 -10.06
C GLU A 1169 -19.83 18.23 -8.86
N LEU A 1170 -19.85 17.50 -7.76
CA LEU A 1170 -19.36 18.01 -6.49
C LEU A 1170 -18.16 17.19 -6.00
N ALA A 1171 -17.41 17.77 -5.09
CA ALA A 1171 -16.32 17.08 -4.42
C ALA A 1171 -16.85 16.39 -3.18
N GLU A 1172 -15.95 15.80 -2.39
CA GLU A 1172 -16.37 15.02 -1.24
C GLU A 1172 -17.14 15.89 -0.24
N SER A 1173 -18.30 15.40 0.19
CA SER A 1173 -19.12 16.04 1.21
C SER A 1173 -19.49 17.47 0.82
N GLY A 1174 -19.52 17.76 -0.48
CA GLY A 1174 -19.79 19.10 -0.95
C GLY A 1174 -18.80 20.11 -0.43
N SER A 1175 -17.50 19.85 -0.63
CA SER A 1175 -16.47 20.72 -0.06
C SER A 1175 -16.62 22.16 -0.53
N ASN A 1176 -17.23 22.40 -1.69
CA ASN A 1176 -17.56 23.74 -2.11
C ASN A 1176 -18.73 24.32 -1.33
N PHE A 1177 -19.44 23.50 -0.57
CA PHE A 1177 -20.55 23.94 0.27
C PHE A 1177 -20.08 24.07 1.70
N SER A 1178 -20.83 24.83 2.49
CA SER A 1178 -20.55 25.02 3.91
C SER A 1178 -21.41 24.08 4.74
N VAL A 1179 -20.99 23.89 5.99
CA VAL A 1179 -21.73 23.01 6.90
C VAL A 1179 -23.18 23.47 7.02
N GLY A 1180 -23.38 24.77 7.19
CA GLY A 1180 -24.73 25.30 7.19
C GLY A 1180 -25.43 25.05 5.86
N GLN A 1181 -24.70 25.20 4.76
CA GLN A 1181 -25.30 24.92 3.46
C GLN A 1181 -25.70 23.46 3.34
N ARG A 1182 -24.85 22.55 3.84
CA ARG A 1182 -25.19 21.13 3.82
C ARG A 1182 -26.44 20.86 4.64
N GLN A 1183 -26.55 21.51 5.80
CA GLN A 1183 -27.74 21.36 6.63
C GLN A 1183 -28.96 21.88 5.89
N LEU A 1184 -28.81 22.97 5.15
CA LEU A 1184 -29.90 23.45 4.31
C LEU A 1184 -30.28 22.41 3.28
N VAL A 1185 -29.28 21.71 2.74
CA VAL A 1185 -29.57 20.70 1.73
C VAL A 1185 -30.40 19.57 2.32
N CYS A 1186 -30.03 19.10 3.51
CA CYS A 1186 -30.81 18.04 4.13
C CYS A 1186 -32.19 18.50 4.56
N LEU A 1187 -32.31 19.76 5.00
CA LEU A 1187 -33.63 20.28 5.31
C LEU A 1187 -34.48 20.34 4.05
N ALA A 1188 -33.87 20.68 2.92
CA ALA A 1188 -34.56 20.62 1.65
C ALA A 1188 -34.97 19.19 1.31
N ARG A 1189 -34.09 18.23 1.56
CA ARG A 1189 -34.45 16.83 1.38
C ARG A 1189 -35.70 16.48 2.18
N ALA A 1190 -35.72 16.88 3.45
CA ALA A 1190 -36.86 16.61 4.31
C ALA A 1190 -38.12 17.25 3.76
N ILE A 1191 -38.02 18.49 3.27
CA ILE A 1191 -39.17 19.15 2.69
C ILE A 1191 -39.65 18.38 1.47
N LEU A 1192 -38.72 17.87 0.68
CA LEU A 1192 -39.08 17.16 -0.55
C LEU A 1192 -39.79 15.85 -0.23
N ARG A 1193 -39.32 15.12 0.77
CA ARG A 1193 -39.95 13.84 1.09
C ARG A 1193 -41.37 14.02 1.60
N LYS A 1194 -41.62 15.11 2.35
CA LYS A 1194 -42.94 15.48 2.86
C LYS A 1194 -43.71 14.29 3.43
N ASN A 1195 -43.09 13.60 4.37
CA ASN A 1195 -43.82 12.65 5.19
C ASN A 1195 -44.18 13.30 6.52
N GLN A 1196 -45.19 12.75 7.18
CA GLN A 1196 -45.76 13.40 8.36
C GLN A 1196 -45.07 13.01 9.65
N ILE A 1197 -43.85 12.51 9.59
CA ILE A 1197 -43.01 12.29 10.76
C ILE A 1197 -41.65 12.91 10.47
N LEU A 1198 -40.92 13.26 11.52
CA LEU A 1198 -39.61 13.86 11.34
C LEU A 1198 -38.82 13.79 12.63
N ILE A 1199 -37.50 13.65 12.47
CA ILE A 1199 -36.57 13.55 13.58
C ILE A 1199 -35.38 14.46 13.29
N ILE A 1200 -35.02 15.30 14.24
CA ILE A 1200 -33.87 16.20 14.12
C ILE A 1200 -32.83 15.76 15.12
N ASP A 1201 -31.56 15.89 14.75
CA ASP A 1201 -30.46 15.52 15.64
C ASP A 1201 -29.32 16.49 15.42
N GLU A 1202 -28.89 17.17 16.50
CA GLU A 1202 -27.70 18.02 16.48
C GLU A 1202 -27.81 19.07 15.37
N ALA A 1203 -28.74 20.00 15.59
CA ALA A 1203 -29.08 20.98 14.56
C ALA A 1203 -27.85 21.77 14.13
N THR A 1204 -27.28 22.57 15.04
CA THR A 1204 -26.11 23.39 14.73
C THR A 1204 -25.03 23.11 15.76
N ALA A 1205 -23.90 22.55 15.31
CA ALA A 1205 -22.78 22.33 16.21
C ALA A 1205 -21.98 23.61 16.42
N ASN A 1206 -21.38 24.13 15.34
CA ASN A 1206 -20.59 25.35 15.40
C ASN A 1206 -20.98 26.30 14.27
N VAL A 1207 -22.15 26.08 13.67
CA VAL A 1207 -22.56 26.87 12.52
C VAL A 1207 -22.74 28.33 12.93
N ASP A 1208 -22.55 29.23 11.97
CA ASP A 1208 -22.65 30.66 12.25
C ASP A 1208 -24.07 31.00 12.72
N PRO A 1209 -24.19 31.98 13.64
CA PRO A 1209 -25.51 32.25 14.24
C PRO A 1209 -26.57 32.65 13.24
N ARG A 1210 -26.20 33.34 12.16
CA ARG A 1210 -27.19 33.68 11.14
C ARG A 1210 -27.78 32.42 10.53
N THR A 1211 -26.93 31.49 10.11
CA THR A 1211 -27.43 30.22 9.60
C THR A 1211 -28.12 29.40 10.69
N ASP A 1212 -27.68 29.54 11.94
CA ASP A 1212 -28.36 28.89 13.05
C ASP A 1212 -29.83 29.30 13.09
N GLU A 1213 -30.10 30.58 13.34
CA GLU A 1213 -31.48 31.05 13.41
C GLU A 1213 -32.21 30.83 12.09
N LEU A 1214 -31.48 30.85 10.98
CA LEU A 1214 -32.06 30.53 9.68
C LEU A 1214 -32.70 29.15 9.72
N ILE A 1215 -31.89 28.15 10.04
CA ILE A 1215 -32.38 26.77 10.10
C ILE A 1215 -33.49 26.65 11.13
N GLN A 1216 -33.34 27.35 12.26
CA GLN A 1216 -34.35 27.27 13.32
C GLN A 1216 -35.71 27.75 12.83
N LYS A 1217 -35.74 28.89 12.15
CA LYS A 1217 -37.02 29.42 11.72
C LYS A 1217 -37.65 28.53 10.65
N LYS A 1218 -36.86 27.97 9.74
CA LYS A 1218 -37.47 27.00 8.84
C LYS A 1218 -37.92 25.73 9.56
N ILE A 1219 -37.21 25.35 10.63
CA ILE A 1219 -37.59 24.14 11.36
C ILE A 1219 -38.98 24.29 11.96
N ARG A 1220 -39.23 25.42 12.63
CA ARG A 1220 -40.59 25.64 13.12
C ARG A 1220 -41.59 25.92 12.00
N GLU A 1221 -41.39 26.99 11.23
CA GLU A 1221 -42.51 27.40 10.39
C GLU A 1221 -42.63 26.58 9.11
N LYS A 1222 -41.77 25.59 8.90
CA LYS A 1222 -41.92 24.71 7.76
C LYS A 1222 -42.62 23.39 8.11
N PHE A 1223 -42.44 22.91 9.33
CA PHE A 1223 -42.83 21.55 9.70
C PHE A 1223 -43.84 21.54 10.84
N ALA A 1224 -44.74 22.52 10.85
CA ALA A 1224 -45.69 22.64 11.96
C ALA A 1224 -46.63 21.44 12.02
N HIS A 1225 -47.11 20.97 10.88
CA HIS A 1225 -48.08 19.89 10.84
C HIS A 1225 -47.45 18.54 10.52
N CYS A 1226 -46.18 18.37 10.83
CA CYS A 1226 -45.47 17.11 10.63
C CYS A 1226 -44.76 16.75 11.92
N THR A 1227 -45.25 15.71 12.62
CA THR A 1227 -44.75 15.35 13.94
C THR A 1227 -43.24 15.44 14.00
N VAL A 1228 -42.72 16.05 15.07
CA VAL A 1228 -41.29 16.33 15.16
C VAL A 1228 -40.77 15.82 16.49
N LEU A 1229 -39.74 14.98 16.43
CA LEU A 1229 -38.88 14.71 17.58
C LEU A 1229 -37.57 15.43 17.36
N THR A 1230 -37.01 15.98 18.44
CA THR A 1230 -35.76 16.71 18.33
C THR A 1230 -34.81 16.23 19.41
N ILE A 1231 -33.59 15.93 19.01
CA ILE A 1231 -32.54 15.49 19.92
C ILE A 1231 -31.42 16.51 19.80
N ALA A 1232 -31.44 17.53 20.64
CA ALA A 1232 -30.49 18.63 20.54
C ALA A 1232 -29.66 18.74 21.81
N HIS A 1233 -28.46 19.28 21.65
CA HIS A 1233 -27.52 19.47 22.74
C HIS A 1233 -27.83 20.70 23.58
N ARG A 1234 -28.71 21.59 23.11
CA ARG A 1234 -28.99 22.85 23.78
C ARG A 1234 -30.48 22.93 24.12
N LEU A 1235 -30.87 24.05 24.73
CA LEU A 1235 -32.22 24.24 25.21
C LEU A 1235 -33.03 25.23 24.40
N ASN A 1236 -32.43 26.38 24.03
CA ASN A 1236 -33.14 27.35 23.21
C ASN A 1236 -33.68 26.70 21.96
N THR A 1237 -32.97 25.69 21.45
CA THR A 1237 -33.45 24.92 20.31
C THR A 1237 -34.73 24.15 20.65
N ILE A 1238 -34.89 23.72 21.91
CA ILE A 1238 -35.96 22.81 22.26
C ILE A 1238 -36.82 23.38 23.39
N ILE A 1239 -36.59 24.64 23.76
CA ILE A 1239 -37.33 25.21 24.88
C ILE A 1239 -38.81 25.28 24.56
N ASP A 1240 -39.16 25.66 23.34
CA ASP A 1240 -40.54 25.85 22.94
C ASP A 1240 -41.20 24.58 22.44
N SER A 1241 -40.50 23.44 22.48
CA SER A 1241 -41.08 22.19 22.04
C SER A 1241 -42.27 21.82 22.92
N ASP A 1242 -43.20 21.07 22.35
CA ASP A 1242 -44.42 20.74 23.09
C ASP A 1242 -44.11 19.89 24.31
N LYS A 1243 -43.23 18.91 24.18
CA LYS A 1243 -42.92 18.02 25.29
C LYS A 1243 -41.43 17.72 25.30
N ILE A 1244 -41.00 16.97 26.32
CA ILE A 1244 -39.57 16.67 26.49
C ILE A 1244 -39.38 15.30 27.14
N MET A 1245 -38.72 14.38 26.45
CA MET A 1245 -38.17 13.22 27.14
C MET A 1245 -37.06 13.66 28.07
N VAL A 1246 -37.02 13.06 29.26
CA VAL A 1246 -35.87 13.19 30.16
C VAL A 1246 -35.27 11.80 30.31
N LEU A 1247 -34.03 11.63 29.86
CA LEU A 1247 -33.38 10.33 29.84
C LEU A 1247 -32.34 10.28 30.94
N ASP A 1248 -32.58 9.44 31.94
CA ASP A 1248 -31.69 9.33 33.10
C ASP A 1248 -30.80 8.11 32.92
N SER A 1249 -29.61 8.32 32.37
CA SER A 1249 -28.60 7.27 32.23
C SER A 1249 -29.19 6.03 31.57
N GLY A 1250 -29.91 6.24 30.48
CA GLY A 1250 -30.61 5.16 29.81
C GLY A 1250 -32.00 4.88 30.34
N ARG A 1251 -32.62 5.83 31.03
CA ARG A 1251 -33.95 5.63 31.58
C ARG A 1251 -34.78 6.89 31.41
N LEU A 1252 -35.96 6.75 30.81
CA LEU A 1252 -36.92 7.84 30.76
C LEU A 1252 -37.55 8.02 32.13
N LYS A 1253 -37.45 9.23 32.67
CA LYS A 1253 -38.02 9.53 33.97
C LYS A 1253 -39.08 10.62 33.92
N GLU A 1254 -38.79 11.73 33.26
CA GLU A 1254 -39.71 12.87 33.21
C GLU A 1254 -40.10 13.15 31.78
N TYR A 1255 -41.41 13.38 31.57
CA TYR A 1255 -41.92 13.67 30.24
C TYR A 1255 -43.22 14.44 30.37
N ASP A 1256 -43.18 15.74 30.10
CA ASP A 1256 -44.35 16.60 30.11
C ASP A 1256 -43.94 17.91 29.43
N GLU A 1257 -44.80 18.92 29.52
CA GLU A 1257 -44.49 20.22 28.95
C GLU A 1257 -43.30 20.85 29.68
N PRO A 1258 -42.49 21.66 28.98
CA PRO A 1258 -41.32 22.26 29.64
C PRO A 1258 -41.67 23.14 30.82
N TYR A 1259 -42.77 23.89 30.72
CA TYR A 1259 -43.16 24.77 31.82
C TYR A 1259 -43.53 23.97 33.05
N VAL A 1260 -44.25 22.85 32.86
CA VAL A 1260 -44.62 22.01 34.00
C VAL A 1260 -43.38 21.43 34.66
N LEU A 1261 -42.43 20.95 33.87
CA LEU A 1261 -41.19 20.41 34.44
C LEU A 1261 -40.39 21.49 35.15
N LEU A 1262 -40.46 22.72 34.66
CA LEU A 1262 -39.80 23.83 35.34
C LEU A 1262 -40.53 24.22 36.62
N GLN A 1263 -41.83 23.95 36.71
CA GLN A 1263 -42.55 24.22 37.95
C GLN A 1263 -41.97 23.42 39.11
N ASN A 1264 -41.66 22.16 38.88
CA ASN A 1264 -41.08 21.30 39.90
C ASN A 1264 -39.58 21.53 39.94
N LYS A 1265 -39.09 22.10 41.04
CA LYS A 1265 -37.66 22.39 41.16
C LYS A 1265 -36.81 21.14 41.18
N GLU A 1266 -37.39 19.98 41.46
CA GLU A 1266 -36.63 18.74 41.53
C GLU A 1266 -36.53 18.02 40.19
N SER A 1267 -37.19 18.52 39.15
CA SER A 1267 -37.11 17.90 37.84
C SER A 1267 -35.72 18.10 37.25
N LEU A 1268 -35.22 17.06 36.58
CA LEU A 1268 -33.92 17.18 35.92
C LEU A 1268 -33.91 18.28 34.87
N PHE A 1269 -35.05 18.54 34.24
CA PHE A 1269 -35.14 19.67 33.32
C PHE A 1269 -34.86 20.98 34.05
N TYR A 1270 -35.45 21.15 35.23
CA TYR A 1270 -35.17 22.34 36.04
C TYR A 1270 -33.69 22.41 36.39
N LYS A 1271 -33.09 21.29 36.80
CA LYS A 1271 -31.70 21.30 37.22
C LYS A 1271 -30.77 21.67 36.07
N MET A 1272 -31.01 21.09 34.89
CA MET A 1272 -30.15 21.38 33.75
C MET A 1272 -30.45 22.74 33.12
N VAL A 1273 -31.63 23.32 33.38
CA VAL A 1273 -31.83 24.73 33.06
C VAL A 1273 -30.99 25.60 33.98
N GLN A 1274 -31.01 25.31 35.28
CA GLN A 1274 -30.29 26.14 36.24
C GLN A 1274 -28.78 26.03 36.05
N GLN A 1275 -28.31 24.96 35.42
CA GLN A 1275 -26.88 24.78 35.25
C GLN A 1275 -26.28 25.71 34.19
N LEU A 1276 -27.10 26.24 33.29
CA LEU A 1276 -26.59 27.17 32.29
C LEU A 1276 -26.13 28.48 32.93
N GLY A 1277 -26.98 29.07 33.76
CA GLY A 1277 -26.65 30.34 34.38
C GLY A 1277 -27.89 30.93 35.05
N LYS A 1278 -27.80 32.21 35.37
CA LYS A 1278 -28.92 32.93 35.98
C LYS A 1278 -29.76 33.66 34.94
N ALA A 1279 -29.14 34.56 34.18
CA ALA A 1279 -29.88 35.27 33.13
C ALA A 1279 -30.38 34.30 32.07
N GLU A 1280 -29.55 33.32 31.69
CA GLU A 1280 -29.95 32.33 30.72
C GLU A 1280 -31.15 31.53 31.21
N ALA A 1281 -31.10 31.06 32.45
CA ALA A 1281 -32.21 30.27 33.00
C ALA A 1281 -33.47 31.11 33.14
N ALA A 1282 -33.33 32.36 33.57
CA ALA A 1282 -34.49 33.24 33.67
C ALA A 1282 -35.14 33.47 32.32
N ALA A 1283 -34.33 33.74 31.28
CA ALA A 1283 -34.87 33.96 29.95
C ALA A 1283 -35.53 32.69 29.41
N LEU A 1284 -34.89 31.54 29.63
CA LEU A 1284 -35.47 30.28 29.17
C LEU A 1284 -36.81 30.00 29.84
N THR A 1285 -36.87 30.20 31.16
CA THR A 1285 -38.11 29.97 31.88
C THR A 1285 -39.19 30.95 31.43
N GLU A 1286 -38.80 32.20 31.17
CA GLU A 1286 -39.76 33.17 30.66
C GLU A 1286 -40.31 32.74 29.31
N THR A 1287 -39.44 32.24 28.43
CA THR A 1287 -39.88 31.80 27.12
C THR A 1287 -40.82 30.60 27.22
N ALA A 1288 -40.49 29.64 28.09
CA ALA A 1288 -41.37 28.49 28.28
C ALA A 1288 -42.71 28.92 28.84
N LYS A 1289 -42.71 29.86 29.79
CA LYS A 1289 -43.97 30.36 30.35
C LYS A 1289 -44.77 31.11 29.28
N GLN A 1290 -44.09 31.86 28.42
CA GLN A 1290 -44.79 32.56 27.34
C GLN A 1290 -45.48 31.55 26.42
N VAL A 1291 -44.76 30.48 26.07
CA VAL A 1291 -45.35 29.44 25.23
C VAL A 1291 -46.56 28.82 25.93
N TYR A 1292 -46.41 28.50 27.22
CA TYR A 1292 -47.48 27.88 27.98
C TYR A 1292 -48.73 28.77 28.01
N PHE A 1293 -48.54 30.06 28.30
CA PHE A 1293 -49.67 30.96 28.46
C PHE A 1293 -50.30 31.30 27.13
N LYS A 1294 -49.52 31.32 26.05
CA LYS A 1294 -50.12 31.51 24.73
C LYS A 1294 -50.85 30.27 24.25
N ARG A 1295 -50.43 29.09 24.71
CA ARG A 1295 -50.97 27.84 24.20
C ARG A 1295 -52.20 27.36 24.98
N ASN A 1296 -52.03 27.11 26.28
CA ASN A 1296 -53.08 26.43 27.04
C ASN A 1296 -54.23 27.34 27.43
N TYR A 1297 -54.01 28.65 27.46
CA TYR A 1297 -55.08 29.61 27.75
C TYR A 1297 -55.20 30.61 26.61
N PRO A 1298 -56.15 30.44 25.69
CA PRO A 1298 -56.35 31.36 24.57
C PRO A 1298 -57.15 32.60 24.97
N1 H9F B . 11.43 -19.39 -16.43
N3 H9F B . 8.55 -15.59 -17.14
C4 H9F B . 10.29 -16.97 -16.43
C5 H9F B . 9.67 -15.73 -16.46
C6 H9F B . 8.02 -16.59 -17.79
C7 H9F B . 13.19 -18.51 -13.60
C8 H9F B . 12.94 -19.90 -13.01
C10 H9F B . 15.54 -17.99 -15.23
C13 H9F B . 5.84 -17.46 -18.70
C15 H9F B . 10.60 -21.36 -18.48
C17 H9F B . 8.60 -22.29 -19.70
C20 H9F B . 9.42 -13.77 -14.97
C21 H9F B . 10.29 -12.90 -14.06
C22 H9F B . 11.25 -12.01 -14.93
C24 H9F B . 11.62 -14.35 -15.82
C1 H9F B . 9.69 -18.02 -17.14
C2 H9F B . 10.32 -19.26 -17.12
C3 H9F B . 11.95 -18.39 -15.78
N2 H9F B . 11.41 -17.19 -15.77
N4 H9F B . 8.56 -17.79 -17.80
N5 H9F B . 13.20 -18.61 -15.04
O1 H9F B . 12.72 -19.78 -11.62
C9 H9F B . 14.43 -18.89 -15.76
O2 H9F B . 16.09 -18.55 -14.07
N6 H9F B . 6.79 -16.38 -18.53
C11 H9F B . 6.50 -15.08 -19.10
C12 H9F B . 5.45 -14.37 -18.25
O3 H9F B . 5.85 -13.05 -17.99
C14 H9F B . 6.47 -18.55 -19.57
O4 H9F B . 5.49 -19.51 -19.88
N7 H9F B . 9.75 -20.38 -17.83
N8 H9F B . 10.24 -14.60 -15.74
C16 H9F B . 10.02 -21.72 -19.84
C18 H9F B . 8.02 -22.00 -18.32
C19 H9F B . 8.31 -20.55 -17.91
C23 H9F B . 11.86 -12.88 -16.10
#